data_9MJB
#
_entry.id   9MJB
#
_cell.length_a   1.00
_cell.length_b   1.00
_cell.length_c   1.00
_cell.angle_alpha   90.00
_cell.angle_beta   90.00
_cell.angle_gamma   90.00
#
_symmetry.space_group_name_H-M   'P 1'
#
loop_
_entity.id
_entity.type
_entity.pdbx_description
1 polymer Mannosyltransferase
2 polymer 'Fab_E6 heavy chain'
3 polymer 'Fab_E6 light chain'
4 non-polymer '(2S)-1-{[(S)-{[(1S,2R,3R,4S,5S,6R)-2-[(6-O-hexadecanoyl-beta-L-gulopyranosyl)oxy]-3,4,5-trihydroxy-6-{[beta-D-mannopyranosyl-(1->2)-alpha-D-mannopyranosyl-(1->6)-beta-D-mannopyranosyl-(1->6)-alpha-D-mannopyranosyl]oxy}cyclohexyl]oxy}(hydroxy)phosphoryl]oxy}-3-(hexadecanoyloxy)propan-2-yl 10-methyloctadecanoate'
5 non-polymer 'MONO-TRANS, OCTA-CIS DECAPRENYL-PHOSPHATE'
#
loop_
_entity_poly.entity_id
_entity_poly.type
_entity_poly.pdbx_seq_one_letter_code
_entity_poly.pdbx_strand_id
1 'polypeptide(L)'
;MATEKTEPTRANVEPPMPTRGASAWRRVRAWGPWLLGLSVAVRLAWAYLTPHGADLVDLHVYVSGPATLGHGNLYEFTYP
DKTPDFPLPFTYPPFAAVVFWPLHLIPFTLLGLCWILGTIAALYAVVRLSQRLLGFDDARAAAVWTAVTMWTEPVRSTLD
YGQINVLLMLLILLAVASSRWWISGTLIGLAGGVKLTPLVSGLYFLGARRWTTAIWAGVVFLLTVVVGIAVVGEQGRYYF
TDLLGKPDRIGPIATVFNQSWRGGISRILGHDAGSGVLVLFAYAVTAILAFLAWRAVNDRLGQICVVEMFGLLISPISWT
HHWVWMVPFMVWLLHGPWRDKVGAKVFGCGWLVLLLIGVPWLLSFAQPDIWRIDRPWPLAWAGLVDIVAAIATLTWMAVV
GRRSGHLGRLPWRHV
;
A
2 'polypeptide(L)'
;EVQLVESGGGLVQPGGSLRLSCAASGFNFYYYSIHWVRQAPGKGLEWVASISSSSGSTSYADSVKGRFTISADTSKNTAY
LQMNSLAREDTAVYYCARSQAVYYWDLWWSMYHTGFIYWGQGTLV
;
H
3 'polypeptide(L)'
;IQMTQSPSSLSASVGDRVTITCRASQSVSSAVAWYQQKPGKAPKLLIYSASSLYSGVPSRFSGSRSGTDFTLTISSLQPE
DFATYYCQQSSSSLITFGQGTKV
;
L
#
loop_
_chem_comp.id
_chem_comp.type
_chem_comp.name
_chem_comp.formula
A1A8B non-polymer '(2S)-1-{[(S)-{[(1S,2R,3R,4S,5S,6R)-2-[(6-O-hexadecanoyl-beta-L-gulopyranosyl)oxy]-3,4,5-trihydroxy-6-{[beta-D-mannopyranosyl-(1->2)-alpha-D-mannopyranosyl-(1->6)-beta-D-mannopyranosyl-(1->6)-alpha-D-mannopyranosyl]oxy}cyclohexyl]oxy}(hydroxy)phosphoryl]oxy}-3-(hexadecanoyloxy)propan-2-yl 10-methyloctadecanoate' 'C90 H105 O39 P'
DSL non-polymer 'MONO-TRANS, OCTA-CIS DECAPRENYL-PHOSPHATE' 'C50 H83 O4 P'
#
# COMPACT_ATOMS: atom_id res chain seq x y z
N GLY A 21 25.26 1.48 0.27
CA GLY A 21 25.47 2.46 1.31
C GLY A 21 24.20 2.82 2.06
N ALA A 22 23.92 2.08 3.15
CA ALA A 22 22.73 2.36 3.94
C ALA A 22 22.87 3.67 4.71
N SER A 23 24.10 4.07 5.05
CA SER A 23 24.29 5.33 5.74
C SER A 23 23.79 6.50 4.89
N ALA A 24 24.17 6.52 3.61
CA ALA A 24 23.67 7.56 2.72
C ALA A 24 22.16 7.47 2.56
N TRP A 25 21.61 6.26 2.60
CA TRP A 25 20.17 6.09 2.54
C TRP A 25 19.48 6.77 3.72
N ARG A 26 20.01 6.56 4.92
CA ARG A 26 19.47 7.25 6.09
C ARG A 26 19.63 8.76 5.97
N ARG A 27 20.79 9.20 5.49
CA ARG A 27 21.04 10.64 5.37
C ARG A 27 20.03 11.28 4.43
N VAL A 28 19.74 10.64 3.30
CA VAL A 28 18.77 11.19 2.36
C VAL A 28 17.36 11.08 2.94
N ARG A 29 17.06 10.03 3.69
CA ARG A 29 15.76 9.94 4.33
C ARG A 29 15.54 11.13 5.25
N ALA A 30 16.53 11.44 6.09
CA ALA A 30 16.41 12.59 6.97
C ALA A 30 16.19 13.88 6.18
N TRP A 31 16.70 13.95 4.95
CA TRP A 31 16.49 15.09 4.08
C TRP A 31 15.27 14.89 3.19
N GLY A 32 14.14 14.56 3.80
CA GLY A 32 12.92 14.36 3.06
C GLY A 32 12.09 15.62 2.90
N PRO A 33 11.68 16.23 4.02
CA PRO A 33 10.82 17.41 3.92
C PRO A 33 11.43 18.52 3.10
N TRP A 34 12.74 18.73 3.22
CA TRP A 34 13.44 19.75 2.47
C TRP A 34 13.98 19.23 1.14
N LEU A 35 13.48 18.10 0.66
CA LEU A 35 13.63 17.67 -0.72
C LEU A 35 12.29 17.63 -1.44
N LEU A 36 11.23 17.18 -0.76
CA LEU A 36 9.88 17.33 -1.31
C LEU A 36 9.49 18.79 -1.42
N GLY A 37 9.86 19.61 -0.44
CA GLY A 37 9.62 21.03 -0.56
C GLY A 37 10.28 21.61 -1.79
N LEU A 38 11.53 21.22 -2.05
CA LEU A 38 12.24 21.69 -3.24
C LEU A 38 11.53 21.22 -4.51
N SER A 39 11.11 19.96 -4.55
CA SER A 39 10.44 19.46 -5.74
C SER A 39 9.14 20.22 -6.00
N VAL A 40 8.36 20.45 -4.95
CA VAL A 40 7.09 21.15 -5.12
C VAL A 40 7.32 22.60 -5.56
N ALA A 41 8.31 23.27 -4.97
CA ALA A 41 8.62 24.62 -5.39
C ALA A 41 9.03 24.66 -6.86
N VAL A 42 9.87 23.72 -7.28
CA VAL A 42 10.30 23.69 -8.68
C VAL A 42 9.11 23.48 -9.60
N ARG A 43 8.26 22.52 -9.28
CA ARG A 43 7.11 22.22 -10.13
C ARG A 43 6.17 23.42 -10.21
N LEU A 44 5.88 24.05 -9.07
CA LEU A 44 4.98 25.19 -9.07
C LEU A 44 5.58 26.36 -9.84
N ALA A 45 6.88 26.58 -9.70
CA ALA A 45 7.54 27.64 -10.47
C ALA A 45 7.45 27.36 -11.96
N TRP A 46 7.71 26.12 -12.36
CA TRP A 46 7.67 25.79 -13.79
C TRP A 46 6.28 25.99 -14.36
N ALA A 47 5.26 25.52 -13.64
CA ALA A 47 3.90 25.59 -14.16
C ALA A 47 3.44 27.03 -14.38
N TYR A 48 3.73 27.91 -13.42
CA TYR A 48 3.24 29.28 -13.45
C TYR A 48 4.29 30.29 -13.87
N LEU A 49 5.40 29.85 -14.43
CA LEU A 49 6.35 30.77 -15.05
C LEU A 49 6.49 30.55 -16.55
N THR A 50 6.23 29.33 -17.03
CA THR A 50 6.42 29.02 -18.44
C THR A 50 5.08 28.94 -19.15
N PRO A 51 4.95 29.53 -20.34
CA PRO A 51 3.71 29.35 -21.10
C PRO A 51 3.49 27.88 -21.41
N HIS A 52 2.22 27.46 -21.33
CA HIS A 52 1.79 26.08 -21.51
C HIS A 52 2.20 25.18 -20.36
N GLY A 53 2.95 25.68 -19.37
CA GLY A 53 3.23 24.89 -18.19
C GLY A 53 1.98 24.63 -17.37
N ALA A 54 1.16 25.67 -17.19
CA ALA A 54 -0.14 25.56 -16.55
C ALA A 54 -1.28 25.49 -17.56
N ASP A 55 -1.01 24.93 -18.74
CA ASP A 55 -2.05 24.84 -19.75
C ASP A 55 -3.23 24.02 -19.24
N LEU A 56 -2.96 22.89 -18.60
CA LEU A 56 -3.98 22.05 -17.99
C LEU A 56 -5.13 21.80 -18.97
N VAL A 57 -4.82 21.13 -20.07
CA VAL A 57 -5.81 20.84 -21.12
C VAL A 57 -6.91 19.96 -20.55
N ASP A 58 -6.61 19.03 -19.64
CA ASP A 58 -7.62 18.07 -19.13
C ASP A 58 -8.36 18.70 -17.94
N LEU A 59 -7.76 19.59 -17.16
CA LEU A 59 -8.51 20.34 -16.16
C LEU A 59 -9.45 21.34 -16.82
N HIS A 60 -8.98 22.03 -17.86
CA HIS A 60 -9.86 22.94 -18.58
C HIS A 60 -11.01 22.19 -19.22
N VAL A 61 -10.78 20.95 -19.67
CA VAL A 61 -11.87 20.14 -20.19
C VAL A 61 -12.87 19.83 -19.08
N TYR A 62 -12.36 19.45 -17.90
CA TYR A 62 -13.23 19.15 -16.78
C TYR A 62 -14.02 20.37 -16.33
N VAL A 63 -13.48 21.57 -16.56
CA VAL A 63 -14.15 22.79 -16.13
C VAL A 63 -15.13 23.27 -17.19
N SER A 64 -14.82 23.05 -18.48
CA SER A 64 -15.65 23.52 -19.56
C SER A 64 -16.70 22.51 -19.99
N GLY A 65 -16.64 21.27 -19.52
CA GLY A 65 -17.68 20.31 -19.78
C GLY A 65 -18.94 20.68 -19.02
N PRO A 66 -18.88 20.57 -17.69
CA PRO A 66 -20.04 20.97 -16.87
C PRO A 66 -20.42 22.43 -17.07
N ALA A 67 -19.50 23.29 -17.48
CA ALA A 67 -19.86 24.68 -17.74
C ALA A 67 -20.94 24.79 -18.81
N THR A 68 -21.02 23.79 -19.70
CA THR A 68 -22.06 23.73 -20.72
C THR A 68 -23.25 22.86 -20.28
N LEU A 69 -23.23 22.40 -19.04
CA LEU A 69 -24.30 21.52 -18.56
C LEU A 69 -25.64 22.22 -18.64
N GLY A 70 -26.68 21.44 -18.95
CA GLY A 70 -28.01 21.99 -19.10
C GLY A 70 -28.28 22.62 -20.44
N HIS A 71 -27.44 22.37 -21.45
CA HIS A 71 -27.60 22.98 -22.75
C HIS A 71 -27.46 21.97 -23.90
N GLY A 72 -27.43 20.68 -23.59
CA GLY A 72 -27.52 19.67 -24.63
C GLY A 72 -26.30 19.54 -25.52
N ASN A 73 -25.17 20.10 -25.11
CA ASN A 73 -23.98 20.12 -25.95
C ASN A 73 -22.73 19.81 -25.12
N LEU A 74 -22.82 18.79 -24.27
CA LEU A 74 -21.70 18.45 -23.38
C LEU A 74 -20.77 17.42 -23.97
N TYR A 75 -21.28 16.38 -24.64
CA TYR A 75 -20.42 15.41 -25.29
C TYR A 75 -20.09 15.77 -26.72
N GLU A 76 -20.93 16.55 -27.39
CA GLU A 76 -20.53 17.18 -28.64
C GLU A 76 -19.52 18.29 -28.41
N PHE A 77 -19.28 18.66 -27.15
CA PHE A 77 -18.28 19.68 -26.83
C PHE A 77 -16.90 19.27 -27.30
N THR A 78 -16.17 20.26 -27.82
CA THR A 78 -14.75 20.10 -28.14
C THR A 78 -14.01 21.29 -27.56
N TYR A 79 -12.74 21.09 -27.24
CA TYR A 79 -11.91 22.11 -26.60
C TYR A 79 -10.60 22.27 -27.36
N PRO A 80 -10.64 22.89 -28.54
CA PRO A 80 -9.42 23.11 -29.31
C PRO A 80 -8.67 24.39 -28.96
N ASP A 81 -9.08 25.10 -27.90
CA ASP A 81 -8.42 26.35 -27.57
C ASP A 81 -6.95 26.13 -27.24
N LYS A 82 -6.64 25.08 -26.48
CA LYS A 82 -5.29 24.82 -26.01
C LYS A 82 -4.48 23.95 -26.98
N THR A 83 -5.14 23.12 -27.79
CA THR A 83 -4.45 22.31 -28.79
C THR A 83 -5.24 22.38 -30.10
N PRO A 84 -5.19 23.54 -30.78
CA PRO A 84 -5.93 23.70 -32.04
C PRO A 84 -5.89 22.49 -32.93
N ASP A 85 -4.72 21.84 -33.02
CA ASP A 85 -4.58 20.66 -33.86
C ASP A 85 -5.56 19.58 -33.44
N PHE A 86 -5.56 19.21 -32.16
CA PHE A 86 -6.44 18.17 -31.64
C PHE A 86 -7.46 18.79 -30.70
N PRO A 87 -8.74 18.90 -31.10
CA PRO A 87 -9.74 19.42 -30.15
C PRO A 87 -10.00 18.46 -29.01
N LEU A 88 -9.73 18.89 -27.79
CA LEU A 88 -9.92 18.03 -26.62
C LEU A 88 -11.41 17.82 -26.38
N PRO A 89 -11.91 16.59 -26.41
CA PRO A 89 -13.33 16.37 -26.08
C PRO A 89 -13.53 16.06 -24.61
N PHE A 90 -14.78 15.89 -24.20
CA PHE A 90 -15.11 15.44 -22.84
C PHE A 90 -15.54 13.99 -22.93
N THR A 91 -14.57 13.09 -22.84
CA THR A 91 -14.82 11.66 -22.94
C THR A 91 -15.11 11.00 -21.60
N TYR A 92 -15.13 11.77 -20.51
CA TYR A 92 -15.35 11.19 -19.21
C TYR A 92 -16.79 10.72 -19.05
N PRO A 93 -17.06 9.80 -18.13
CA PRO A 93 -18.43 9.42 -17.84
C PRO A 93 -19.24 10.60 -17.35
N PRO A 94 -20.56 10.61 -17.55
CA PRO A 94 -21.37 11.75 -17.11
C PRO A 94 -21.28 12.01 -15.62
N PHE A 95 -21.06 10.96 -14.82
CA PHE A 95 -20.86 11.16 -13.38
C PHE A 95 -19.68 12.09 -13.12
N ALA A 96 -18.66 12.03 -13.96
CA ALA A 96 -17.54 12.96 -13.82
C ALA A 96 -18.00 14.39 -14.03
N ALA A 97 -18.86 14.62 -15.01
CA ALA A 97 -19.39 15.97 -15.22
C ALA A 97 -20.23 16.41 -14.02
N VAL A 98 -20.99 15.49 -13.45
CA VAL A 98 -21.76 15.82 -12.25
C VAL A 98 -20.81 16.25 -11.13
N VAL A 99 -19.73 15.50 -10.94
CA VAL A 99 -18.80 15.79 -9.84
C VAL A 99 -18.04 17.09 -10.11
N PHE A 100 -17.80 17.41 -11.38
CA PHE A 100 -17.04 18.60 -11.74
C PHE A 100 -17.91 19.83 -11.94
N TRP A 101 -19.23 19.72 -11.87
CA TRP A 101 -20.05 20.91 -11.94
C TRP A 101 -19.70 21.93 -10.86
N PRO A 102 -19.39 21.54 -9.62
CA PRO A 102 -18.89 22.54 -8.65
C PRO A 102 -17.68 23.30 -9.13
N LEU A 103 -16.76 22.65 -9.86
CA LEU A 103 -15.59 23.35 -10.38
C LEU A 103 -16.00 24.54 -11.22
N HIS A 104 -17.17 24.47 -11.87
CA HIS A 104 -17.67 25.60 -12.63
C HIS A 104 -17.84 26.84 -11.76
N LEU A 105 -17.96 26.67 -10.44
CA LEU A 105 -18.19 27.80 -9.55
C LEU A 105 -16.90 28.42 -9.02
N ILE A 106 -15.74 27.96 -9.46
CA ILE A 106 -14.45 28.43 -8.95
C ILE A 106 -13.69 29.08 -10.10
N PRO A 107 -13.05 30.24 -9.89
CA PRO A 107 -12.22 30.83 -10.94
C PRO A 107 -11.10 29.91 -11.41
N PHE A 108 -10.69 30.03 -12.67
CA PHE A 108 -9.82 29.04 -13.28
C PHE A 108 -8.48 28.92 -12.56
N THR A 109 -7.87 30.04 -12.17
CA THR A 109 -6.57 29.97 -11.51
C THR A 109 -6.68 29.42 -10.10
N LEU A 110 -7.70 29.85 -9.35
CA LEU A 110 -7.95 29.32 -8.02
C LEU A 110 -8.16 27.82 -8.04
N LEU A 111 -8.59 27.27 -9.17
CA LEU A 111 -8.72 25.83 -9.34
C LEU A 111 -7.45 25.19 -9.88
N GLY A 112 -6.69 25.88 -10.73
CA GLY A 112 -5.47 25.29 -11.24
C GLY A 112 -4.42 25.10 -10.16
N LEU A 113 -4.17 26.14 -9.37
CA LEU A 113 -3.23 26.00 -8.25
C LEU A 113 -3.73 24.97 -7.25
N CYS A 114 -5.03 24.99 -6.97
CA CYS A 114 -5.59 24.01 -6.05
C CYS A 114 -5.40 22.59 -6.58
N TRP A 115 -5.57 22.40 -7.89
CA TRP A 115 -5.44 21.06 -8.46
C TRP A 115 -4.00 20.58 -8.44
N ILE A 116 -3.05 21.47 -8.73
CA ILE A 116 -1.65 21.08 -8.67
C ILE A 116 -1.28 20.69 -7.24
N LEU A 117 -1.67 21.52 -6.27
CA LEU A 117 -1.39 21.19 -4.88
C LEU A 117 -2.07 19.89 -4.49
N GLY A 118 -3.30 19.68 -4.98
CA GLY A 118 -4.02 18.45 -4.65
C GLY A 118 -3.36 17.22 -5.21
N THR A 119 -2.87 17.30 -6.45
CA THR A 119 -2.15 16.17 -7.03
C THR A 119 -0.87 15.89 -6.27
N ILE A 120 -0.15 16.94 -5.87
CA ILE A 120 1.08 16.74 -5.10
C ILE A 120 0.77 16.08 -3.77
N ALA A 121 -0.23 16.59 -3.05
CA ALA A 121 -0.59 16.03 -1.76
C ALA A 121 -1.13 14.62 -1.92
N ALA A 122 -1.81 14.33 -3.03
CA ALA A 122 -2.28 12.97 -3.28
C ALA A 122 -1.11 12.03 -3.51
N LEU A 123 -0.07 12.49 -4.21
CA LEU A 123 1.12 11.68 -4.38
C LEU A 123 1.77 11.39 -3.04
N TYR A 124 1.90 12.40 -2.19
CA TYR A 124 2.49 12.17 -0.87
C TYR A 124 1.62 11.22 -0.05
N ALA A 125 0.31 11.40 -0.08
CA ALA A 125 -0.59 10.56 0.69
C ALA A 125 -0.57 9.13 0.18
N VAL A 126 -0.50 8.93 -1.13
CA VAL A 126 -0.48 7.59 -1.66
C VAL A 126 0.85 6.91 -1.35
N VAL A 127 1.95 7.65 -1.35
CA VAL A 127 3.21 7.07 -0.89
C VAL A 127 3.10 6.67 0.58
N ARG A 128 2.49 7.52 1.40
CA ARG A 128 2.33 7.19 2.81
C ARG A 128 1.44 5.96 2.99
N LEU A 129 0.37 5.86 2.22
CA LEU A 129 -0.48 4.68 2.27
C LEU A 129 0.27 3.43 1.83
N SER A 130 1.12 3.55 0.81
CA SER A 130 1.92 2.40 0.40
C SER A 130 2.85 1.98 1.52
N GLN A 131 3.48 2.94 2.19
CA GLN A 131 4.34 2.62 3.33
C GLN A 131 3.55 1.92 4.43
N ARG A 132 2.37 2.45 4.72
CA ARG A 132 1.53 1.82 5.77
C ARG A 132 1.22 0.39 5.33
N LEU A 133 0.83 0.20 4.07
CA LEU A 133 0.49 -1.14 3.59
C LEU A 133 1.67 -2.09 3.77
N LEU A 134 2.88 -1.62 3.48
CA LEU A 134 4.07 -2.45 3.66
C LEU A 134 4.39 -2.72 5.12
N GLY A 135 3.72 -2.04 6.05
CA GLY A 135 3.87 -2.31 7.46
C GLY A 135 4.75 -1.33 8.22
N PHE A 136 5.18 -0.24 7.61
CA PHE A 136 5.99 0.76 8.29
C PHE A 136 5.52 2.15 7.92
N ASP A 137 5.54 3.04 8.89
CA ASP A 137 5.20 4.45 8.69
C ASP A 137 6.47 5.28 8.74
N ASP A 138 6.68 6.11 7.72
CA ASP A 138 7.89 6.93 7.63
C ASP A 138 7.55 8.18 6.83
N ALA A 139 7.31 9.28 7.55
CA ALA A 139 6.97 10.53 6.87
C ALA A 139 8.16 11.05 6.06
N ARG A 140 9.37 10.97 6.61
CA ARG A 140 10.54 11.46 5.90
C ARG A 140 10.79 10.68 4.62
N ALA A 141 10.77 9.34 4.72
CA ALA A 141 10.96 8.52 3.53
C ALA A 141 9.82 8.74 2.54
N ALA A 142 8.61 8.97 3.04
CA ALA A 142 7.50 9.27 2.14
C ALA A 142 7.75 10.55 1.37
N ALA A 143 8.27 11.58 2.05
CA ALA A 143 8.58 12.82 1.36
C ALA A 143 9.67 12.61 0.33
N VAL A 144 10.71 11.84 0.67
CA VAL A 144 11.78 11.57 -0.29
C VAL A 144 11.23 10.84 -1.51
N TRP A 145 10.38 9.84 -1.28
CA TRP A 145 9.81 9.09 -2.39
C TRP A 145 8.93 9.97 -3.26
N THR A 146 8.14 10.84 -2.64
CA THR A 146 7.32 11.76 -3.41
C THR A 146 8.18 12.67 -4.28
N ALA A 147 9.26 13.20 -3.70
CA ALA A 147 10.13 14.10 -4.47
C ALA A 147 10.78 13.37 -5.63
N VAL A 148 11.26 12.14 -5.40
CA VAL A 148 11.98 11.42 -6.45
C VAL A 148 11.02 10.98 -7.55
N THR A 149 9.86 10.43 -7.17
CA THR A 149 8.88 9.97 -8.14
C THR A 149 8.01 11.09 -8.69
N MET A 150 8.12 12.30 -8.13
CA MET A 150 7.35 13.42 -8.67
C MET A 150 7.66 13.64 -10.14
N TRP A 151 8.89 13.33 -10.56
CA TRP A 151 9.37 13.58 -11.90
C TRP A 151 9.39 12.33 -12.76
N THR A 152 8.81 11.22 -12.30
CA THR A 152 8.61 10.09 -13.17
C THR A 152 7.65 10.49 -14.28
N GLU A 153 7.87 9.93 -15.47
CA GLU A 153 7.10 10.34 -16.64
C GLU A 153 5.59 10.31 -16.40
N PRO A 154 5.02 9.27 -15.80
CA PRO A 154 3.57 9.31 -15.55
C PRO A 154 3.15 10.46 -14.64
N VAL A 155 3.90 10.72 -13.58
CA VAL A 155 3.50 11.76 -12.63
C VAL A 155 3.63 13.13 -13.27
N ARG A 156 4.74 13.40 -13.96
CA ARG A 156 4.89 14.70 -14.60
C ARG A 156 3.87 14.87 -15.73
N SER A 157 3.51 13.79 -16.41
CA SER A 157 2.47 13.88 -17.43
C SER A 157 1.12 14.23 -16.80
N THR A 158 0.78 13.58 -15.68
CA THR A 158 -0.47 13.93 -15.01
C THR A 158 -0.47 15.38 -14.56
N LEU A 159 0.63 15.85 -13.96
CA LEU A 159 0.69 17.22 -13.49
C LEU A 159 0.59 18.20 -14.66
N ASP A 160 1.27 17.89 -15.75
CA ASP A 160 1.24 18.80 -16.92
C ASP A 160 -0.19 18.94 -17.41
N TYR A 161 -0.83 17.82 -17.72
CA TYR A 161 -2.15 17.84 -18.34
C TYR A 161 -3.26 18.12 -17.35
N GLY A 162 -3.00 18.01 -16.05
CA GLY A 162 -4.04 18.15 -15.05
C GLY A 162 -4.94 16.94 -14.91
N GLN A 163 -4.62 15.85 -15.60
CA GLN A 163 -5.46 14.66 -15.55
C GLN A 163 -5.50 14.11 -14.12
N ILE A 164 -6.67 13.62 -13.73
CA ILE A 164 -6.85 13.09 -12.37
C ILE A 164 -6.50 11.60 -12.42
N ASN A 165 -5.23 11.30 -12.19
CA ASN A 165 -4.76 9.94 -12.02
C ASN A 165 -4.13 9.68 -10.66
N VAL A 166 -3.46 10.68 -10.08
CA VAL A 166 -2.95 10.52 -8.73
C VAL A 166 -4.10 10.50 -7.73
N LEU A 167 -5.13 11.31 -7.96
CA LEU A 167 -6.27 11.33 -7.04
C LEU A 167 -6.99 9.98 -7.01
N LEU A 168 -7.22 9.38 -8.18
CA LEU A 168 -7.89 8.09 -8.19
C LEU A 168 -6.99 6.98 -7.65
N MET A 169 -5.68 7.09 -7.86
CA MET A 169 -4.77 6.16 -7.21
C MET A 169 -4.86 6.27 -5.70
N LEU A 170 -4.93 7.51 -5.19
CA LEU A 170 -5.09 7.71 -3.76
C LEU A 170 -6.40 7.09 -3.27
N LEU A 171 -7.48 7.29 -4.01
CA LEU A 171 -8.75 6.73 -3.61
C LEU A 171 -8.69 5.20 -3.57
N ILE A 172 -8.07 4.60 -4.59
CA ILE A 172 -8.02 3.15 -4.66
C ILE A 172 -7.18 2.57 -3.53
N LEU A 173 -6.03 3.19 -3.24
CA LEU A 173 -5.21 2.67 -2.14
C LEU A 173 -5.83 2.98 -0.78
N LEU A 174 -6.63 4.05 -0.69
CA LEU A 174 -7.40 4.27 0.53
C LEU A 174 -8.43 3.17 0.72
N ALA A 175 -9.07 2.75 -0.38
CA ALA A 175 -9.99 1.63 -0.30
C ALA A 175 -9.29 0.36 0.13
N VAL A 176 -8.11 0.10 -0.44
CA VAL A 176 -7.37 -1.10 -0.10
C VAL A 176 -6.95 -1.09 1.36
N ALA A 177 -6.47 0.06 1.84
CA ALA A 177 -6.00 0.15 3.22
C ALA A 177 -7.13 -0.10 4.21
N SER A 178 -8.30 0.48 3.95
CA SER A 178 -9.42 0.33 4.86
C SER A 178 -10.03 -1.06 4.73
N SER A 179 -10.02 -1.81 5.83
CA SER A 179 -10.63 -3.13 5.85
C SER A 179 -12.15 -3.05 5.85
N ARG A 180 -12.70 -1.92 6.26
CA ARG A 180 -14.14 -1.76 6.33
C ARG A 180 -14.76 -1.91 4.95
N TRP A 181 -15.76 -2.79 4.84
CA TRP A 181 -16.29 -3.12 3.52
C TRP A 181 -16.95 -1.92 2.86
N TRP A 182 -17.74 -1.16 3.60
CA TRP A 182 -18.48 -0.07 2.99
C TRP A 182 -17.54 1.03 2.51
N ILE A 183 -16.52 1.36 3.32
CA ILE A 183 -15.60 2.43 2.93
C ILE A 183 -14.87 2.05 1.65
N SER A 184 -14.28 0.86 1.60
CA SER A 184 -13.53 0.45 0.42
C SER A 184 -14.44 0.35 -0.80
N GLY A 185 -15.61 -0.25 -0.63
CA GLY A 185 -16.52 -0.38 -1.76
C GLY A 185 -16.93 0.97 -2.32
N THR A 186 -17.29 1.90 -1.44
CA THR A 186 -17.73 3.22 -1.90
C THR A 186 -16.59 3.96 -2.58
N LEU A 187 -15.38 3.91 -2.01
CA LEU A 187 -14.25 4.58 -2.65
C LEU A 187 -14.01 4.01 -4.05
N ILE A 188 -13.95 2.69 -4.17
CA ILE A 188 -13.69 2.10 -5.48
C ILE A 188 -14.79 2.46 -6.46
N GLY A 189 -16.05 2.38 -6.02
CA GLY A 189 -17.15 2.67 -6.93
C GLY A 189 -17.14 4.10 -7.41
N LEU A 190 -16.95 5.06 -6.50
CA LEU A 190 -16.92 6.46 -6.92
C LEU A 190 -15.73 6.73 -7.84
N ALA A 191 -14.55 6.22 -7.48
CA ALA A 191 -13.38 6.46 -8.31
C ALA A 191 -13.56 5.88 -9.70
N GLY A 192 -14.14 4.68 -9.80
CA GLY A 192 -14.42 4.10 -11.09
C GLY A 192 -15.52 4.80 -11.85
N GLY A 193 -16.46 5.42 -11.13
CA GLY A 193 -17.46 6.23 -11.81
C GLY A 193 -16.86 7.46 -12.45
N VAL A 194 -15.89 8.08 -11.79
CA VAL A 194 -15.22 9.24 -12.37
C VAL A 194 -14.49 8.84 -13.65
N LYS A 195 -13.76 7.72 -13.61
CA LYS A 195 -13.08 7.18 -14.77
C LYS A 195 -13.26 5.67 -14.78
N LEU A 196 -13.50 5.09 -15.95
CA LEU A 196 -13.72 3.66 -16.03
C LEU A 196 -12.43 2.85 -15.96
N THR A 197 -11.27 3.46 -16.23
CA THR A 197 -10.02 2.70 -16.21
C THR A 197 -9.71 2.13 -14.84
N PRO A 198 -9.84 2.87 -13.73
CA PRO A 198 -9.47 2.28 -12.43
C PRO A 198 -10.40 1.16 -11.97
N LEU A 199 -11.47 0.89 -12.70
CA LEU A 199 -12.35 -0.23 -12.37
C LEU A 199 -11.61 -1.55 -12.32
N VAL A 200 -10.53 -1.72 -13.08
CA VAL A 200 -9.74 -2.94 -13.00
C VAL A 200 -9.21 -3.19 -11.60
N SER A 201 -9.04 -2.16 -10.79
CA SER A 201 -8.62 -2.35 -9.41
C SER A 201 -9.59 -3.25 -8.67
N GLY A 202 -10.88 -3.19 -9.01
CA GLY A 202 -11.85 -4.05 -8.38
C GLY A 202 -11.46 -5.52 -8.49
N LEU A 203 -10.79 -5.90 -9.58
CA LEU A 203 -10.37 -7.28 -9.74
C LEU A 203 -9.51 -7.73 -8.57
N TYR A 204 -8.66 -6.85 -8.05
CA TYR A 204 -7.86 -7.21 -6.89
C TYR A 204 -8.75 -7.65 -5.74
N PHE A 205 -9.84 -6.93 -5.50
CA PHE A 205 -10.76 -7.33 -4.44
C PHE A 205 -11.37 -8.69 -4.74
N LEU A 206 -11.60 -9.01 -6.01
CA LEU A 206 -12.01 -10.35 -6.36
C LEU A 206 -10.92 -11.36 -6.00
N GLY A 207 -9.67 -11.01 -6.25
CA GLY A 207 -8.57 -11.88 -5.86
C GLY A 207 -8.42 -11.98 -4.35
N ALA A 208 -8.70 -10.89 -3.63
CA ALA A 208 -8.63 -10.87 -2.18
C ALA A 208 -9.82 -11.54 -1.52
N ARG A 209 -10.72 -12.14 -2.31
CA ARG A 209 -11.90 -12.83 -1.79
C ARG A 209 -12.85 -11.88 -1.07
N ARG A 210 -12.70 -10.58 -1.28
CA ARG A 210 -13.58 -9.59 -0.67
C ARG A 210 -14.81 -9.43 -1.57
N TRP A 211 -15.65 -10.45 -1.58
CA TRP A 211 -16.81 -10.46 -2.46
C TRP A 211 -17.79 -9.34 -2.09
N THR A 212 -18.03 -9.14 -0.81
CA THR A 212 -18.99 -8.11 -0.40
C THR A 212 -18.52 -6.72 -0.79
N THR A 213 -17.23 -6.43 -0.57
CA THR A 213 -16.71 -5.12 -0.95
C THR A 213 -16.77 -4.91 -2.45
N ALA A 214 -16.44 -5.94 -3.23
CA ALA A 214 -16.54 -5.82 -4.68
C ALA A 214 -17.98 -5.58 -5.12
N ILE A 215 -18.93 -6.28 -4.49
CA ILE A 215 -20.33 -6.10 -4.84
C ILE A 215 -20.76 -4.67 -4.55
N TRP A 216 -20.38 -4.14 -3.37
CA TRP A 216 -20.76 -2.78 -3.03
C TRP A 216 -20.10 -1.77 -3.95
N ALA A 217 -18.84 -2.01 -4.34
CA ALA A 217 -18.18 -1.11 -5.28
C ALA A 217 -18.90 -1.10 -6.61
N GLY A 218 -19.29 -2.28 -7.11
CA GLY A 218 -20.07 -2.33 -8.34
C GLY A 218 -21.40 -1.62 -8.22
N VAL A 219 -22.07 -1.78 -7.08
CA VAL A 219 -23.34 -1.10 -6.86
C VAL A 219 -23.15 0.40 -6.87
N VAL A 220 -22.07 0.89 -6.26
CA VAL A 220 -21.82 2.32 -6.26
C VAL A 220 -21.48 2.81 -7.65
N PHE A 221 -20.76 2.00 -8.44
CA PHE A 221 -20.51 2.41 -9.82
C PHE A 221 -21.81 2.51 -10.61
N LEU A 222 -22.73 1.56 -10.42
CA LEU A 222 -24.02 1.64 -11.07
C LEU A 222 -24.84 2.83 -10.61
N LEU A 223 -24.80 3.16 -9.32
CA LEU A 223 -25.48 4.35 -8.81
C LEU A 223 -24.86 5.64 -9.31
N THR A 224 -23.56 5.67 -9.55
CA THR A 224 -22.92 6.78 -10.24
C THR A 224 -23.35 6.89 -11.69
N VAL A 225 -23.49 5.76 -12.38
CA VAL A 225 -24.06 5.78 -13.72
C VAL A 225 -25.47 6.35 -13.69
N VAL A 226 -26.26 5.96 -12.70
CA VAL A 226 -27.62 6.48 -12.60
C VAL A 226 -27.62 7.98 -12.33
N VAL A 227 -26.70 8.45 -11.47
CA VAL A 227 -26.61 9.88 -11.21
C VAL A 227 -26.22 10.63 -12.48
N GLY A 228 -25.27 10.08 -13.24
CA GLY A 228 -24.90 10.70 -14.50
C GLY A 228 -26.06 10.76 -15.47
N ILE A 229 -26.84 9.69 -15.55
CA ILE A 229 -28.01 9.71 -16.42
C ILE A 229 -29.03 10.74 -15.94
N ALA A 230 -29.14 10.91 -14.63
CA ALA A 230 -30.13 11.86 -14.10
C ALA A 230 -29.74 13.29 -14.38
N VAL A 231 -28.47 13.63 -14.15
CA VAL A 231 -28.04 15.02 -14.22
C VAL A 231 -27.63 15.39 -15.64
N VAL A 232 -26.75 14.59 -16.22
CA VAL A 232 -26.18 14.87 -17.54
C VAL A 232 -27.03 14.14 -18.58
N GLY A 233 -28.22 13.71 -18.19
CA GLY A 233 -29.07 12.98 -19.11
C GLY A 233 -29.62 13.85 -20.21
N GLU A 234 -30.15 13.18 -21.23
CA GLU A 234 -30.72 13.79 -22.43
C GLU A 234 -29.64 14.42 -23.31
N GLN A 235 -28.38 14.43 -22.88
CA GLN A 235 -27.27 14.93 -23.67
C GLN A 235 -26.12 13.92 -23.74
N GLY A 236 -25.87 13.19 -22.66
CA GLY A 236 -24.93 12.09 -22.71
C GLY A 236 -25.60 10.78 -22.36
N ARG A 237 -25.78 9.93 -23.36
CA ARG A 237 -26.51 8.68 -23.19
C ARG A 237 -25.89 7.64 -24.11
N TYR A 238 -26.37 6.40 -23.98
CA TYR A 238 -25.86 5.29 -24.80
C TYR A 238 -24.34 5.21 -24.68
N TYR A 239 -23.85 5.45 -23.46
CA TYR A 239 -22.42 5.55 -23.23
C TYR A 239 -21.72 4.20 -23.40
N PHE A 240 -22.49 3.10 -23.36
CA PHE A 240 -21.95 1.77 -23.56
C PHE A 240 -22.42 1.09 -24.84
N THR A 241 -23.54 1.50 -25.42
CA THR A 241 -24.00 0.99 -26.71
C THR A 241 -23.86 2.10 -27.74
N ASP A 242 -23.42 1.73 -28.95
CA ASP A 242 -23.14 2.62 -30.06
C ASP A 242 -21.90 3.47 -29.83
N LEU A 243 -21.27 3.39 -28.66
CA LEU A 243 -20.02 4.08 -28.37
C LEU A 243 -18.92 3.14 -27.92
N LEU A 244 -19.23 2.17 -27.07
CA LEU A 244 -18.30 1.15 -26.61
C LEU A 244 -17.01 1.73 -26.04
N GLY A 245 -17.01 2.99 -25.63
CA GLY A 245 -15.79 3.61 -25.17
C GLY A 245 -14.72 3.54 -26.24
N LYS A 246 -15.09 3.91 -27.46
CA LYS A 246 -14.21 3.69 -28.60
C LYS A 246 -12.87 4.39 -28.37
N PRO A 247 -11.75 3.68 -28.51
CA PRO A 247 -10.45 4.33 -28.26
C PRO A 247 -10.16 5.49 -29.19
N ASP A 248 -10.64 5.43 -30.44
CA ASP A 248 -10.29 6.46 -31.41
C ASP A 248 -10.79 7.83 -30.97
N ARG A 249 -12.00 7.91 -30.45
CA ARG A 249 -12.56 9.20 -30.04
C ARG A 249 -11.74 9.81 -28.90
N ILE A 250 -11.29 8.99 -27.96
CA ILE A 250 -10.51 9.51 -26.85
C ILE A 250 -9.22 10.15 -27.36
N GLY A 251 -8.54 9.46 -28.28
CA GLY A 251 -7.30 9.98 -28.83
C GLY A 251 -6.64 8.99 -29.76
N PRO A 252 -5.51 9.37 -30.33
CA PRO A 252 -4.79 8.46 -31.24
C PRO A 252 -4.37 7.19 -30.51
N ILE A 253 -4.49 6.07 -31.21
CA ILE A 253 -4.17 4.78 -30.61
C ILE A 253 -2.70 4.43 -30.77
N ALA A 254 -2.10 4.79 -31.90
CA ALA A 254 -0.75 4.37 -32.23
C ALA A 254 0.33 5.27 -31.67
N THR A 255 -0.03 6.45 -31.14
CA THR A 255 0.99 7.35 -30.61
C THR A 255 1.75 6.66 -29.48
N VAL A 256 3.06 6.89 -29.45
CA VAL A 256 3.93 6.12 -28.56
C VAL A 256 3.48 6.27 -27.11
N PHE A 257 2.86 7.40 -26.78
CA PHE A 257 2.39 7.62 -25.41
C PHE A 257 1.38 6.56 -25.00
N ASN A 258 0.61 6.03 -25.95
CA ASN A 258 -0.33 4.97 -25.66
C ASN A 258 0.42 3.67 -25.43
N GLN A 259 0.85 3.43 -24.19
CA GLN A 259 1.75 2.32 -23.92
C GLN A 259 1.04 1.00 -23.70
N SER A 260 -0.28 0.94 -23.83
CA SER A 260 -0.97 -0.33 -23.76
C SER A 260 -0.52 -1.23 -24.90
N TRP A 261 -0.93 -2.50 -24.84
CA TRP A 261 -0.63 -3.43 -25.92
C TRP A 261 -1.09 -2.87 -27.26
N ARG A 262 -2.26 -2.24 -27.29
CA ARG A 262 -2.80 -1.76 -28.55
C ARG A 262 -1.87 -0.73 -29.19
N GLY A 263 -1.36 0.20 -28.38
CA GLY A 263 -0.48 1.21 -28.93
C GLY A 263 0.77 0.64 -29.56
N GLY A 264 1.50 -0.18 -28.80
CA GLY A 264 2.75 -0.73 -29.31
C GLY A 264 2.54 -1.66 -30.50
N ILE A 265 1.48 -2.46 -30.45
CA ILE A 265 1.18 -3.35 -31.57
C ILE A 265 0.86 -2.55 -32.82
N SER A 266 0.13 -1.44 -32.65
CA SER A 266 -0.15 -0.56 -33.79
C SER A 266 1.12 0.07 -34.32
N ARG A 267 2.04 0.47 -33.43
CA ARG A 267 3.32 0.99 -33.88
C ARG A 267 4.06 -0.02 -34.74
N ILE A 268 4.22 -1.24 -34.23
CA ILE A 268 4.98 -2.26 -34.94
C ILE A 268 4.21 -2.72 -36.17
N LEU A 269 2.92 -2.38 -36.25
CA LEU A 269 2.11 -2.83 -37.37
C LEU A 269 1.98 -1.78 -38.46
N GLY A 270 1.77 -0.51 -38.09
CA GLY A 270 1.39 0.50 -39.05
C GLY A 270 -0.09 0.63 -39.28
N HIS A 271 -0.90 -0.20 -38.61
CA HIS A 271 -2.36 -0.12 -38.71
C HIS A 271 -2.95 -0.72 -37.44
N ASP A 272 -3.94 -0.03 -36.89
CA ASP A 272 -4.53 -0.41 -35.61
C ASP A 272 -5.22 -1.76 -35.78
N ALA A 273 -4.59 -2.81 -35.24
CA ALA A 273 -5.21 -4.13 -35.27
C ALA A 273 -6.45 -4.19 -34.39
N GLY A 274 -6.43 -3.49 -33.26
CA GLY A 274 -7.57 -3.49 -32.36
C GLY A 274 -7.87 -4.88 -31.83
N SER A 275 -9.01 -5.43 -32.21
CA SER A 275 -9.43 -6.75 -31.77
C SER A 275 -8.87 -7.87 -32.66
N GLY A 276 -7.78 -7.61 -33.38
CA GLY A 276 -7.21 -8.60 -34.26
C GLY A 276 -6.74 -9.83 -33.51
N VAL A 277 -6.44 -10.90 -34.26
CA VAL A 277 -5.99 -12.14 -33.65
C VAL A 277 -4.67 -11.92 -32.91
N LEU A 278 -3.74 -11.19 -33.54
CA LEU A 278 -2.43 -11.02 -32.94
C LEU A 278 -2.50 -10.21 -31.65
N VAL A 279 -3.38 -9.21 -31.59
CA VAL A 279 -3.56 -8.48 -30.33
C VAL A 279 -4.23 -9.36 -29.29
N LEU A 280 -5.16 -10.23 -29.71
CA LEU A 280 -5.82 -11.11 -28.76
C LEU A 280 -4.83 -12.08 -28.14
N PHE A 281 -3.90 -12.61 -28.92
CA PHE A 281 -2.90 -13.51 -28.38
C PHE A 281 -2.03 -12.80 -27.34
N ALA A 282 -1.66 -11.56 -27.62
CA ALA A 282 -0.90 -10.78 -26.64
C ALA A 282 -1.72 -10.53 -25.38
N TYR A 283 -3.00 -10.23 -25.54
CA TYR A 283 -3.85 -10.02 -24.38
C TYR A 283 -3.90 -11.28 -23.52
N ALA A 284 -4.03 -12.45 -24.16
CA ALA A 284 -4.09 -13.70 -23.41
C ALA A 284 -2.76 -13.99 -22.70
N VAL A 285 -1.64 -13.75 -23.39
CA VAL A 285 -0.35 -14.07 -22.78
C VAL A 285 -0.08 -13.12 -21.61
N THR A 286 -0.42 -11.84 -21.74
CA THR A 286 -0.27 -10.94 -20.61
C THR A 286 -1.24 -11.28 -19.49
N ALA A 287 -2.42 -11.80 -19.84
CA ALA A 287 -3.34 -12.27 -18.80
C ALA A 287 -2.72 -13.38 -17.98
N ILE A 288 -2.15 -14.39 -18.65
CA ILE A 288 -1.56 -15.49 -17.90
C ILE A 288 -0.34 -15.01 -17.11
N LEU A 289 0.46 -14.13 -17.70
CA LEU A 289 1.62 -13.62 -16.98
C LEU A 289 1.22 -12.85 -15.73
N ALA A 290 0.20 -11.99 -15.84
CA ALA A 290 -0.22 -11.20 -14.70
C ALA A 290 -0.87 -12.08 -13.63
N PHE A 291 -1.63 -13.10 -14.04
CA PHE A 291 -2.20 -14.02 -13.06
C PHE A 291 -1.10 -14.75 -12.29
N LEU A 292 -0.07 -15.22 -13.01
CA LEU A 292 1.03 -15.89 -12.31
C LEU A 292 1.76 -14.92 -11.40
N ALA A 293 1.96 -13.67 -11.85
CA ALA A 293 2.62 -12.69 -10.99
C ALA A 293 1.81 -12.46 -9.71
N TRP A 294 0.50 -12.30 -9.83
CA TRP A 294 -0.33 -12.13 -8.65
C TRP A 294 -0.26 -13.36 -7.75
N ARG A 295 -0.29 -14.55 -8.35
CA ARG A 295 -0.13 -15.77 -7.58
C ARG A 295 1.22 -15.83 -6.89
N ALA A 296 2.20 -15.07 -7.37
CA ALA A 296 3.53 -15.03 -6.78
C ALA A 296 3.67 -13.97 -5.70
N VAL A 297 2.58 -13.30 -5.33
CA VAL A 297 2.62 -12.23 -4.34
C VAL A 297 1.63 -12.57 -3.22
N ASN A 298 1.87 -12.01 -2.04
CA ASN A 298 1.08 -12.31 -0.86
C ASN A 298 0.63 -11.08 -0.07
N ASP A 299 1.23 -9.91 -0.31
CA ASP A 299 0.90 -8.71 0.44
C ASP A 299 -0.02 -7.81 -0.37
N ARG A 300 -0.85 -7.04 0.34
CA ARG A 300 -1.88 -6.23 -0.30
C ARG A 300 -1.28 -5.31 -1.36
N LEU A 301 -0.22 -4.57 -1.01
CA LEU A 301 0.35 -3.61 -1.94
C LEU A 301 0.83 -4.29 -3.21
N GLY A 302 1.53 -5.42 -3.08
CA GLY A 302 2.01 -6.11 -4.26
C GLY A 302 0.87 -6.62 -5.13
N GLN A 303 -0.18 -7.15 -4.51
CA GLN A 303 -1.32 -7.65 -5.27
C GLN A 303 -1.97 -6.52 -6.07
N ILE A 304 -2.24 -5.39 -5.41
CA ILE A 304 -2.88 -4.28 -6.11
C ILE A 304 -1.98 -3.73 -7.20
N CYS A 305 -0.66 -3.68 -6.93
CA CYS A 305 0.27 -3.17 -7.93
C CYS A 305 0.30 -4.06 -9.17
N VAL A 306 0.28 -5.38 -8.98
CA VAL A 306 0.24 -6.29 -10.12
C VAL A 306 -1.07 -6.14 -10.87
N VAL A 307 -2.19 -6.03 -10.14
CA VAL A 307 -3.48 -5.89 -10.80
C VAL A 307 -3.50 -4.64 -11.66
N GLU A 308 -3.00 -3.53 -11.13
CA GLU A 308 -2.97 -2.28 -11.89
C GLU A 308 -1.94 -2.29 -13.01
N MET A 309 -0.82 -2.97 -12.84
CA MET A 309 0.11 -3.18 -13.94
C MET A 309 -0.55 -3.91 -15.09
N PHE A 310 -1.35 -4.93 -14.80
CA PHE A 310 -2.11 -5.59 -15.84
C PHE A 310 -3.19 -4.68 -16.45
N GLY A 311 -3.87 -3.92 -15.60
CA GLY A 311 -4.89 -3.02 -16.10
C GLY A 311 -4.33 -1.99 -17.07
N LEU A 312 -3.14 -1.46 -16.76
CA LEU A 312 -2.50 -0.50 -17.66
C LEU A 312 -2.14 -1.14 -18.99
N LEU A 313 -1.97 -2.45 -19.02
CA LEU A 313 -1.60 -3.14 -20.26
C LEU A 313 -2.80 -3.58 -21.08
N ILE A 314 -3.93 -3.89 -20.45
CA ILE A 314 -5.09 -4.36 -21.19
C ILE A 314 -6.01 -3.25 -21.64
N SER A 315 -6.05 -2.12 -20.93
CA SER A 315 -6.98 -1.07 -21.32
C SER A 315 -6.67 -0.60 -22.74
N PRO A 316 -7.69 -0.39 -23.58
CA PRO A 316 -7.41 0.01 -24.97
C PRO A 316 -6.56 1.27 -25.05
N ILE A 317 -6.77 2.22 -24.17
CA ILE A 317 -6.01 3.47 -24.13
C ILE A 317 -5.38 3.56 -22.75
N SER A 318 -4.05 3.52 -22.69
CA SER A 318 -3.30 3.71 -21.44
C SER A 318 -2.14 4.64 -21.75
N TRP A 319 -2.38 5.94 -21.67
CA TRP A 319 -1.31 6.89 -21.92
C TRP A 319 -0.24 6.76 -20.84
N THR A 320 0.84 7.52 -21.01
CA THR A 320 1.90 7.50 -19.99
C THR A 320 1.36 8.00 -18.66
N HIS A 321 0.56 9.06 -18.67
CA HIS A 321 0.04 9.61 -17.42
C HIS A 321 -0.88 8.64 -16.70
N HIS A 322 -1.34 7.58 -17.37
CA HIS A 322 -2.09 6.54 -16.66
C HIS A 322 -1.17 5.65 -15.82
N TRP A 323 0.11 5.56 -16.17
CA TRP A 323 1.00 4.63 -15.49
C TRP A 323 1.55 5.25 -14.21
N VAL A 324 0.67 5.84 -13.39
CA VAL A 324 1.12 6.33 -12.09
C VAL A 324 1.09 5.21 -11.06
N TRP A 325 0.41 4.11 -11.37
CA TRP A 325 0.39 2.95 -10.50
C TRP A 325 1.74 2.28 -10.39
N MET A 326 2.70 2.62 -11.28
CA MET A 326 4.03 2.07 -11.13
C MET A 326 4.74 2.61 -9.89
N VAL A 327 4.41 3.83 -9.45
CA VAL A 327 5.07 4.38 -8.27
C VAL A 327 4.83 3.51 -7.04
N PRO A 328 3.59 3.11 -6.71
CA PRO A 328 3.42 2.12 -5.64
C PRO A 328 4.14 0.82 -5.93
N PHE A 329 4.26 0.43 -7.20
CA PHE A 329 4.98 -0.80 -7.52
C PHE A 329 6.46 -0.69 -7.16
N MET A 330 7.09 0.44 -7.47
CA MET A 330 8.49 0.63 -7.10
C MET A 330 8.63 0.73 -5.59
N VAL A 331 7.66 1.35 -4.92
CA VAL A 331 7.70 1.37 -3.46
C VAL A 331 7.66 -0.05 -2.92
N TRP A 332 6.81 -0.90 -3.50
CA TRP A 332 6.75 -2.29 -3.09
C TRP A 332 8.08 -3.00 -3.35
N LEU A 333 8.66 -2.77 -4.53
CA LEU A 333 9.91 -3.45 -4.89
C LEU A 333 11.03 -3.07 -3.94
N LEU A 334 11.16 -1.79 -3.61
CA LEU A 334 12.27 -1.32 -2.80
C LEU A 334 12.00 -1.37 -1.31
N HIS A 335 10.76 -1.66 -0.90
CA HIS A 335 10.44 -1.76 0.51
C HIS A 335 9.57 -2.96 0.88
N GLY A 336 8.92 -3.61 -0.09
CA GLY A 336 8.01 -4.68 0.21
C GLY A 336 8.74 -5.90 0.74
N PRO A 337 8.04 -7.02 0.84
CA PRO A 337 8.70 -8.25 1.30
C PRO A 337 9.88 -8.63 0.45
N TRP A 338 9.87 -8.31 -0.84
CA TRP A 338 10.97 -8.63 -1.75
C TRP A 338 11.92 -7.44 -1.86
N ARG A 339 12.41 -6.98 -0.71
CA ARG A 339 13.38 -5.85 -0.71
C ARG A 339 14.79 -6.45 -0.61
N ASP A 340 14.94 -7.71 -1.01
CA ASP A 340 16.25 -8.41 -0.86
C ASP A 340 16.59 -9.15 -2.15
N LYS A 341 15.62 -9.88 -2.70
CA LYS A 341 15.87 -10.67 -3.91
C LYS A 341 16.69 -9.85 -4.90
N VAL A 342 17.66 -10.50 -5.53
CA VAL A 342 18.50 -9.79 -6.51
C VAL A 342 17.63 -9.21 -7.61
N GLY A 343 16.70 -10.03 -8.13
CA GLY A 343 15.81 -9.53 -9.16
C GLY A 343 14.95 -8.38 -8.70
N ALA A 344 14.53 -8.38 -7.43
CA ALA A 344 13.70 -7.30 -6.93
C ALA A 344 14.42 -5.96 -7.03
N LYS A 345 15.66 -5.90 -6.53
CA LYS A 345 16.44 -4.67 -6.63
C LYS A 345 16.72 -4.33 -8.08
N VAL A 346 17.06 -5.34 -8.90
CA VAL A 346 17.37 -5.09 -10.30
C VAL A 346 16.18 -4.43 -11.00
N PHE A 347 14.99 -4.99 -10.81
CA PHE A 347 13.84 -4.48 -11.52
C PHE A 347 13.33 -3.19 -10.92
N GLY A 348 13.51 -2.98 -9.61
CA GLY A 348 13.20 -1.69 -9.04
C GLY A 348 14.06 -0.58 -9.62
N CYS A 349 15.36 -0.80 -9.70
CA CYS A 349 16.23 0.21 -10.29
C CYS A 349 15.95 0.36 -11.78
N GLY A 350 15.59 -0.73 -12.45
CA GLY A 350 15.22 -0.63 -13.85
C GLY A 350 14.00 0.24 -14.06
N TRP A 351 12.97 0.02 -13.25
CA TRP A 351 11.77 0.86 -13.36
C TRP A 351 12.08 2.30 -13.04
N LEU A 352 12.89 2.54 -12.00
CA LEU A 352 13.27 3.92 -11.69
C LEU A 352 13.99 4.58 -12.86
N VAL A 353 15.01 3.92 -13.42
CA VAL A 353 15.74 4.55 -14.52
C VAL A 353 14.87 4.72 -15.75
N LEU A 354 13.97 3.78 -16.03
CA LEU A 354 13.10 3.91 -17.18
C LEU A 354 12.12 5.06 -17.03
N LEU A 355 11.42 5.13 -15.89
CA LEU A 355 10.41 6.17 -15.71
C LEU A 355 11.03 7.54 -15.53
N LEU A 356 12.07 7.66 -14.70
CA LEU A 356 12.68 8.96 -14.46
C LEU A 356 13.18 9.57 -15.76
N ILE A 357 13.85 8.77 -16.59
CA ILE A 357 14.26 9.25 -17.91
C ILE A 357 13.06 9.35 -18.84
N GLY A 358 12.40 8.24 -19.09
CA GLY A 358 11.22 8.22 -19.91
C GLY A 358 11.59 7.95 -21.35
N VAL A 359 11.41 6.71 -21.80
CA VAL A 359 11.71 6.34 -23.17
C VAL A 359 10.58 6.78 -24.09
N PRO A 360 9.31 6.51 -23.76
CA PRO A 360 8.23 6.96 -24.65
C PRO A 360 8.22 8.46 -24.87
N TRP A 361 8.48 9.25 -23.82
CA TRP A 361 8.51 10.69 -23.99
C TRP A 361 9.61 11.10 -24.96
N LEU A 362 10.77 10.47 -24.86
CA LEU A 362 11.86 10.79 -25.77
C LEU A 362 11.54 10.36 -27.20
N LEU A 363 10.90 9.20 -27.35
CA LEU A 363 10.61 8.68 -28.68
C LEU A 363 9.48 9.45 -29.37
N SER A 364 8.59 10.08 -28.60
CA SER A 364 7.46 10.76 -29.21
C SER A 364 7.91 11.83 -30.20
N PHE A 365 9.14 12.33 -30.04
CA PHE A 365 9.63 13.36 -30.96
C PHE A 365 9.87 12.81 -32.36
N ALA A 366 10.32 11.56 -32.47
CA ALA A 366 10.72 11.04 -33.77
C ALA A 366 9.54 10.96 -34.72
N GLN A 367 8.39 10.49 -34.26
CA GLN A 367 7.27 10.25 -35.16
C GLN A 367 6.80 11.56 -35.78
N PRO A 368 6.35 11.53 -37.04
CA PRO A 368 5.94 12.77 -37.70
C PRO A 368 4.86 13.52 -36.93
N ASP A 369 3.76 12.83 -36.65
CA ASP A 369 2.64 13.41 -35.92
C ASP A 369 1.95 12.33 -35.11
N ILE A 370 1.20 12.76 -34.09
CA ILE A 370 0.49 11.82 -33.22
C ILE A 370 -0.48 10.94 -33.99
N TRP A 371 -0.81 11.28 -35.23
CA TRP A 371 -1.74 10.50 -36.03
C TRP A 371 -1.04 9.58 -37.04
N ARG A 372 0.29 9.45 -36.96
CA ARG A 372 1.03 8.59 -37.87
C ARG A 372 1.26 7.23 -37.22
N ILE A 373 0.83 6.17 -37.92
CA ILE A 373 0.98 4.82 -37.41
C ILE A 373 2.16 4.09 -38.03
N ASP A 374 2.54 4.42 -39.26
CA ASP A 374 3.64 3.75 -39.93
C ASP A 374 4.96 4.15 -39.29
N ARG A 375 5.80 3.17 -38.98
CA ARG A 375 7.08 3.42 -38.35
C ARG A 375 8.13 2.45 -38.87
N PRO A 376 9.40 2.85 -38.90
CA PRO A 376 10.49 1.92 -39.22
C PRO A 376 10.88 1.14 -37.98
N TRP A 377 11.85 0.24 -38.13
CA TRP A 377 12.19 -0.64 -37.03
C TRP A 377 12.52 0.14 -35.77
N PRO A 378 13.35 1.18 -35.80
CA PRO A 378 13.70 1.84 -34.53
C PRO A 378 12.51 2.47 -33.82
N LEU A 379 11.78 3.35 -34.50
CA LEU A 379 10.71 4.10 -33.86
C LEU A 379 9.52 3.22 -33.49
N ALA A 380 9.41 2.03 -34.07
CA ALA A 380 8.35 1.09 -33.71
C ALA A 380 8.77 0.16 -32.59
N TRP A 381 9.92 -0.51 -32.76
CA TRP A 381 10.39 -1.44 -31.75
C TRP A 381 10.65 -0.74 -30.44
N ALA A 382 11.30 0.43 -30.48
CA ALA A 382 11.50 1.20 -29.26
C ALA A 382 10.19 1.69 -28.68
N GLY A 383 9.10 1.64 -29.46
CA GLY A 383 7.79 1.97 -28.93
C GLY A 383 7.18 0.89 -28.05
N LEU A 384 7.75 -0.31 -28.08
CA LEU A 384 7.34 -1.39 -27.20
C LEU A 384 8.08 -1.37 -25.87
N VAL A 385 8.66 -0.23 -25.49
CA VAL A 385 9.61 -0.22 -24.38
C VAL A 385 8.90 -0.52 -23.06
N ASP A 386 7.88 0.27 -22.72
CA ASP A 386 7.21 0.08 -21.44
C ASP A 386 6.44 -1.24 -21.42
N ILE A 387 5.89 -1.64 -22.56
CA ILE A 387 5.22 -2.94 -22.65
C ILE A 387 6.21 -4.06 -22.33
N VAL A 388 7.40 -4.00 -22.92
CA VAL A 388 8.39 -5.03 -22.70
C VAL A 388 8.85 -5.01 -21.24
N ALA A 389 9.04 -3.83 -20.66
CA ALA A 389 9.45 -3.76 -19.27
C ALA A 389 8.40 -4.37 -18.35
N ALA A 390 7.13 -4.04 -18.58
CA ALA A 390 6.07 -4.60 -17.75
C ALA A 390 5.97 -6.11 -17.93
N ILE A 391 6.10 -6.59 -19.17
CA ILE A 391 6.00 -8.03 -19.41
C ILE A 391 7.18 -8.76 -18.78
N ALA A 392 8.37 -8.16 -18.84
CA ALA A 392 9.54 -8.76 -18.21
C ALA A 392 9.36 -8.82 -16.70
N THR A 393 8.83 -7.76 -16.10
CA THR A 393 8.58 -7.79 -14.66
C THR A 393 7.56 -8.87 -14.31
N LEU A 394 6.49 -8.98 -15.10
CA LEU A 394 5.47 -9.99 -14.84
C LEU A 394 6.05 -11.39 -14.96
N THR A 395 6.84 -11.65 -16.02
CA THR A 395 7.44 -12.97 -16.18
C THR A 395 8.41 -13.27 -15.07
N TRP A 396 9.21 -12.29 -14.66
CA TRP A 396 10.14 -12.51 -13.56
C TRP A 396 9.39 -12.85 -12.28
N MET A 397 8.32 -12.11 -11.98
CA MET A 397 7.54 -12.41 -10.79
C MET A 397 6.94 -13.81 -10.87
N ALA A 398 6.42 -14.18 -12.04
CA ALA A 398 5.81 -15.50 -12.19
C ALA A 398 6.84 -16.60 -11.96
N VAL A 399 8.02 -16.47 -12.57
CA VAL A 399 9.02 -17.52 -12.46
C VAL A 399 9.58 -17.60 -11.04
N VAL A 400 9.81 -16.44 -10.40
CA VAL A 400 10.35 -16.47 -9.05
C VAL A 400 9.32 -17.03 -8.08
N GLY A 401 8.03 -16.72 -8.27
CA GLY A 401 7.01 -17.32 -7.43
C GLY A 401 6.90 -18.82 -7.64
N ARG A 402 6.90 -19.26 -8.90
CA ARG A 402 6.78 -20.69 -9.17
C ARG A 402 7.96 -21.45 -8.61
N ARG A 403 9.18 -20.92 -8.77
CA ARG A 403 10.34 -21.58 -8.20
C ARG A 403 10.26 -21.63 -6.68
N GLU B 1 19.60 -18.14 11.04
CA GLU B 1 20.07 -16.88 10.45
C GLU B 1 19.68 -15.69 11.34
N VAL B 2 18.39 -15.41 11.40
CA VAL B 2 17.90 -14.27 12.18
C VAL B 2 18.06 -14.58 13.66
N GLN B 3 18.68 -13.67 14.39
CA GLN B 3 18.92 -13.85 15.82
C GLN B 3 18.63 -12.54 16.54
N LEU B 4 18.26 -12.66 17.82
CA LEU B 4 18.09 -11.52 18.71
C LEU B 4 18.97 -11.73 19.93
N VAL B 5 19.75 -10.71 20.28
CA VAL B 5 20.70 -10.79 21.39
C VAL B 5 20.42 -9.63 22.34
N GLU B 6 20.40 -9.93 23.64
CA GLU B 6 20.15 -8.95 24.68
C GLU B 6 21.34 -8.93 25.63
N SER B 7 22.09 -7.84 25.60
CA SER B 7 23.31 -7.71 26.41
C SER B 7 23.08 -7.01 27.74
N GLY B 8 21.88 -6.49 27.99
CA GLY B 8 21.58 -5.83 29.24
C GLY B 8 21.14 -6.83 30.30
N GLY B 9 20.65 -6.28 31.42
CA GLY B 9 20.14 -7.11 32.48
C GLY B 9 20.98 -7.10 33.75
N GLY B 10 21.56 -5.95 34.07
CA GLY B 10 22.35 -5.81 35.29
C GLY B 10 21.49 -5.63 36.52
N LEU B 11 22.16 -5.49 37.65
CA LEU B 11 21.51 -5.29 38.94
C LEU B 11 21.71 -3.86 39.39
N VAL B 12 20.63 -3.21 39.80
CA VAL B 12 20.65 -1.80 40.18
C VAL B 12 19.99 -1.64 41.54
N GLN B 13 20.43 -0.59 42.25
CA GLN B 13 19.85 -0.27 43.55
C GLN B 13 18.45 0.28 43.38
N PRO B 14 17.61 0.20 44.42
CA PRO B 14 16.28 0.80 44.34
C PRO B 14 16.36 2.28 44.01
N GLY B 15 15.86 2.66 42.84
CA GLY B 15 16.06 4.00 42.34
C GLY B 15 17.39 4.12 41.64
N GLY B 16 17.39 4.70 40.45
CA GLY B 16 18.61 4.80 39.66
C GLY B 16 18.35 4.77 38.18
N SER B 17 19.04 3.90 37.46
CA SER B 17 18.85 3.77 36.02
C SER B 17 19.47 2.46 35.56
N LEU B 18 19.00 1.99 34.40
CA LEU B 18 19.54 0.80 33.77
C LEU B 18 19.17 0.84 32.30
N ARG B 19 20.15 0.51 31.45
CA ARG B 19 20.01 0.62 30.01
C ARG B 19 20.03 -0.79 29.40
N LEU B 20 18.85 -1.32 29.09
CA LEU B 20 18.78 -2.57 28.36
C LEU B 20 19.17 -2.35 26.90
N SER B 21 19.78 -3.39 26.31
CA SER B 21 20.24 -3.31 24.93
C SER B 21 19.87 -4.61 24.23
N CYS B 22 19.14 -4.51 23.13
CA CYS B 22 18.65 -5.67 22.39
C CYS B 22 19.23 -5.61 20.98
N ALA B 23 20.38 -6.24 20.78
CA ALA B 23 20.98 -6.32 19.45
C ALA B 23 20.13 -7.18 18.53
N ALA B 24 20.17 -6.85 17.24
CA ALA B 24 19.40 -7.57 16.23
C ALA B 24 20.30 -7.91 15.06
N SER B 25 20.02 -9.06 14.44
CA SER B 25 20.78 -9.51 13.28
C SER B 25 19.86 -10.29 12.36
N GLY B 26 20.17 -10.26 11.07
CA GLY B 26 19.40 -10.98 10.08
C GLY B 26 18.22 -10.24 9.51
N PHE B 27 17.92 -9.02 9.98
CA PHE B 27 16.81 -8.26 9.46
C PHE B 27 17.06 -6.78 9.70
N ASN B 28 16.21 -5.93 9.11
CA ASN B 28 16.36 -4.46 9.28
C ASN B 28 15.34 -3.96 10.32
N PHE B 29 15.82 -3.26 11.35
CA PHE B 29 14.92 -2.68 12.38
C PHE B 29 13.84 -1.84 11.71
N TYR B 30 14.24 -0.88 10.87
CA TYR B 30 13.28 0.05 10.22
C TYR B 30 12.04 -0.67 9.69
N TYR B 31 12.14 -1.94 9.31
CA TYR B 31 11.00 -2.61 8.70
C TYR B 31 10.10 -3.31 9.72
N TYR B 32 10.45 -3.26 11.00
CA TYR B 32 9.72 -3.97 12.03
C TYR B 32 9.65 -3.13 13.29
N SER B 33 8.70 -3.44 14.15
CA SER B 33 8.54 -2.78 15.44
C SER B 33 9.16 -3.66 16.52
N ILE B 34 10.09 -3.08 17.28
CA ILE B 34 10.75 -3.80 18.36
C ILE B 34 9.99 -3.55 19.66
N HIS B 35 9.70 -4.63 20.39
CA HIS B 35 8.94 -4.54 21.63
C HIS B 35 9.75 -5.10 22.78
N TRP B 36 9.50 -4.56 23.97
CA TRP B 36 10.12 -5.05 25.20
C TRP B 36 9.03 -5.62 26.09
N VAL B 37 9.20 -6.88 26.49
CA VAL B 37 8.24 -7.58 27.33
C VAL B 37 8.96 -8.08 28.57
N ARG B 38 8.39 -7.80 29.74
CA ARG B 38 8.98 -8.19 31.01
C ARG B 38 8.11 -9.24 31.69
N GLN B 39 8.75 -10.05 32.53
CA GLN B 39 8.06 -11.14 33.21
C GLN B 39 8.70 -11.32 34.59
N ALA B 40 8.07 -10.77 35.61
CA ALA B 40 8.59 -10.88 36.96
C ALA B 40 8.48 -12.33 37.45
N PRO B 41 9.38 -12.75 38.33
CA PRO B 41 9.30 -14.12 38.85
C PRO B 41 8.00 -14.35 39.59
N GLY B 42 7.32 -15.45 39.24
CA GLY B 42 6.03 -15.77 39.83
C GLY B 42 4.85 -15.08 39.18
N LYS B 43 5.07 -14.23 38.18
CA LYS B 43 4.00 -13.53 37.49
C LYS B 43 4.17 -13.70 35.98
N GLY B 44 3.11 -13.36 35.25
CA GLY B 44 3.09 -13.53 33.81
C GLY B 44 3.72 -12.38 33.06
N LEU B 45 3.69 -12.49 31.74
CA LEU B 45 4.28 -11.47 30.87
C LEU B 45 3.52 -10.16 31.01
N GLU B 46 4.25 -9.05 30.91
CA GLU B 46 3.66 -7.72 30.94
C GLU B 46 4.35 -6.87 29.89
N TRP B 47 3.57 -6.29 28.98
CA TRP B 47 4.14 -5.43 27.95
C TRP B 47 4.75 -4.19 28.57
N VAL B 48 5.85 -3.72 28.00
CA VAL B 48 6.60 -2.59 28.53
C VAL B 48 6.70 -1.46 27.51
N ALA B 49 7.20 -1.75 26.31
CA ALA B 49 7.40 -0.72 25.31
C ALA B 49 7.28 -1.32 23.91
N SER B 50 6.84 -0.50 22.97
CA SER B 50 6.49 -0.96 21.62
C SER B 50 7.00 0.00 20.55
N ILE B 51 8.29 0.35 20.60
CA ILE B 51 8.84 1.25 19.59
C ILE B 51 8.64 0.68 18.19
N SER B 52 8.43 1.57 17.22
CA SER B 52 8.18 1.18 15.84
C SER B 52 9.43 1.20 14.98
N SER B 53 10.43 2.00 15.34
CA SER B 53 11.74 2.09 14.69
C SER B 53 11.70 2.67 13.29
N SER B 54 10.51 2.96 12.74
CA SER B 54 10.39 3.61 11.45
C SER B 54 9.77 5.00 11.60
N SER B 55 8.60 5.09 12.22
CA SER B 55 8.02 6.39 12.56
C SER B 55 8.56 6.95 13.86
N GLY B 56 9.24 6.13 14.66
CA GLY B 56 9.79 6.58 15.91
C GLY B 56 8.79 6.80 17.03
N SER B 57 7.55 6.36 16.85
CA SER B 57 6.52 6.57 17.87
C SER B 57 6.81 5.69 19.08
N THR B 58 6.84 6.31 20.26
CA THR B 58 7.14 5.62 21.51
C THR B 58 5.84 5.33 22.24
N SER B 59 5.57 4.05 22.50
CA SER B 59 4.40 3.64 23.26
C SER B 59 4.88 2.78 24.42
N TYR B 60 4.49 3.16 25.64
CA TYR B 60 4.83 2.38 26.82
C TYR B 60 3.76 2.58 27.89
N ALA B 61 3.67 1.60 28.79
CA ALA B 61 2.51 1.44 29.66
C ALA B 61 2.42 2.58 30.68
N ASP B 62 1.25 2.65 31.34
CA ASP B 62 0.99 3.73 32.28
C ASP B 62 1.90 3.66 33.50
N SER B 63 1.98 2.49 34.14
CA SER B 63 2.94 2.30 35.21
C SER B 63 4.37 2.36 34.69
N VAL B 64 4.55 2.12 33.40
CA VAL B 64 5.85 2.26 32.75
C VAL B 64 6.10 3.69 32.29
N LYS B 65 5.05 4.51 32.20
CA LYS B 65 5.18 5.85 31.62
C LYS B 65 6.19 6.71 32.38
N GLY B 66 6.08 6.73 33.70
CA GLY B 66 6.93 7.60 34.49
C GLY B 66 8.31 7.09 34.80
N ARG B 67 8.68 5.90 34.32
CA ARG B 67 9.97 5.31 34.65
C ARG B 67 10.75 4.77 33.47
N PHE B 68 10.20 4.82 32.26
CA PHE B 68 10.87 4.25 31.10
C PHE B 68 10.92 5.26 29.97
N THR B 69 11.93 5.12 29.11
CA THR B 69 12.06 5.91 27.88
C THR B 69 12.79 5.03 26.87
N ILE B 70 12.02 4.36 26.02
CA ILE B 70 12.60 3.42 25.07
C ILE B 70 13.18 4.18 23.89
N SER B 71 14.44 3.93 23.57
CA SER B 71 15.11 4.53 22.43
C SER B 71 15.08 3.56 21.25
N ALA B 72 15.84 3.89 20.20
CA ALA B 72 15.98 3.01 19.05
C ALA B 72 17.31 3.32 18.38
N ASP B 73 17.79 2.35 17.60
CA ASP B 73 19.04 2.54 16.85
C ASP B 73 18.95 1.67 15.59
N THR B 74 18.57 2.29 14.48
CA THR B 74 18.45 1.54 13.22
C THR B 74 19.80 1.24 12.61
N SER B 75 20.80 2.09 12.85
CA SER B 75 22.12 1.87 12.26
C SER B 75 22.79 0.62 12.82
N LYS B 76 22.69 0.41 14.13
CA LYS B 76 23.33 -0.72 14.78
C LYS B 76 22.37 -1.87 15.06
N ASN B 77 21.09 -1.73 14.74
CA ASN B 77 20.07 -2.75 14.98
C ASN B 77 20.02 -3.12 16.47
N THR B 78 19.65 -2.14 17.28
CA THR B 78 19.56 -2.33 18.72
C THR B 78 18.37 -1.54 19.25
N ALA B 79 17.79 -2.02 20.34
CA ALA B 79 16.62 -1.39 20.93
C ALA B 79 16.98 -0.27 21.90
N TYR B 80 17.87 -0.54 22.86
CA TYR B 80 18.41 0.46 23.77
C TYR B 80 17.31 1.13 24.61
N LEU B 81 16.69 0.31 25.46
CA LEU B 81 15.68 0.81 26.39
C LEU B 81 16.34 1.31 27.67
N GLN B 82 15.72 2.32 28.29
CA GLN B 82 16.28 3.01 29.45
C GLN B 82 15.23 3.18 30.53
N MET B 83 15.67 3.12 31.79
CA MET B 83 14.82 3.34 32.96
C MET B 83 15.29 4.58 33.71
N ASN B 84 14.56 4.90 34.79
CA ASN B 84 14.97 5.89 35.77
C ASN B 84 14.06 5.79 36.97
N SER B 85 14.66 5.82 38.17
CA SER B 85 13.93 5.62 39.42
C SER B 85 13.19 4.28 39.42
N LEU B 86 13.87 3.24 38.97
CA LEU B 86 13.30 1.92 38.80
C LEU B 86 13.46 1.09 40.08
N ALA B 87 13.23 -0.21 39.97
CA ALA B 87 13.56 -1.24 40.95
C ALA B 87 12.61 -1.26 42.14
N ARG B 88 11.50 -0.52 42.09
CA ARG B 88 10.48 -0.68 43.12
C ARG B 88 9.87 -2.08 43.06
N GLU B 89 9.38 -2.47 41.87
CA GLU B 89 8.90 -3.82 41.62
C GLU B 89 9.27 -4.28 40.22
N ASP B 90 10.33 -3.72 39.64
CA ASP B 90 10.66 -3.94 38.24
C ASP B 90 11.57 -5.15 38.01
N THR B 91 11.90 -5.90 39.06
CA THR B 91 12.69 -7.12 38.87
C THR B 91 11.91 -8.11 38.02
N ALA B 92 12.40 -8.36 36.80
CA ALA B 92 11.69 -9.22 35.86
C ALA B 92 12.70 -9.79 34.87
N VAL B 93 12.18 -10.38 33.81
CA VAL B 93 13.00 -10.93 32.73
C VAL B 93 12.58 -10.19 31.45
N TYR B 94 13.30 -9.12 31.13
CA TYR B 94 12.89 -8.22 30.06
C TYR B 94 13.31 -8.81 28.72
N TYR B 95 12.38 -9.50 28.07
CA TYR B 95 12.61 -9.97 26.72
C TYR B 95 12.43 -8.82 25.73
N CYS B 96 13.03 -8.99 24.55
CA CYS B 96 12.80 -8.08 23.44
C CYS B 96 12.32 -8.87 22.24
N ALA B 97 11.31 -8.36 21.55
CA ALA B 97 10.72 -9.06 20.43
C ALA B 97 10.39 -8.07 19.33
N ARG B 98 10.37 -8.57 18.09
CA ARG B 98 10.01 -7.78 16.93
C ARG B 98 8.62 -8.19 16.44
N SER B 99 7.97 -7.27 15.74
CA SER B 99 6.63 -7.53 15.23
C SER B 99 6.42 -6.72 13.96
N GLN B 100 5.48 -7.19 13.14
CA GLN B 100 5.11 -6.52 11.91
C GLN B 100 3.82 -5.75 12.16
N ALA B 101 3.88 -4.43 11.98
CA ALA B 101 2.74 -3.57 12.28
C ALA B 101 1.93 -3.34 11.00
N VAL B 102 0.69 -3.81 11.00
CA VAL B 102 -0.20 -3.68 9.86
C VAL B 102 -1.26 -2.64 10.19
N TYR B 103 -1.51 -1.73 9.25
CA TYR B 103 -2.41 -0.61 9.46
C TYR B 103 -3.71 -0.79 8.69
N TYR B 104 -4.77 -0.17 9.20
CA TYR B 104 -6.05 -0.11 8.52
C TYR B 104 -6.59 1.32 8.60
N TRP B 105 -7.31 1.73 7.57
CA TRP B 105 -7.89 3.07 7.49
C TRP B 105 -9.40 2.95 7.63
N ASP B 106 -9.87 2.93 8.87
CA ASP B 106 -11.30 2.95 9.16
C ASP B 106 -11.77 4.39 9.38
N LEU B 107 -11.59 5.20 8.34
CA LEU B 107 -11.79 6.65 8.31
C LEU B 107 -10.75 7.37 9.15
N TRP B 108 -9.89 6.66 9.86
CA TRP B 108 -8.77 7.21 10.61
C TRP B 108 -7.83 6.05 10.93
N TRP B 109 -6.54 6.33 10.93
CA TRP B 109 -5.55 5.27 11.03
C TRP B 109 -5.61 4.58 12.37
N SER B 110 -5.37 3.26 12.36
CA SER B 110 -5.39 2.46 13.57
C SER B 110 -4.37 1.34 13.41
N MET B 111 -3.16 1.57 13.92
CA MET B 111 -2.11 0.56 13.89
C MET B 111 -2.46 -0.62 14.79
N TYR B 112 -2.03 -1.81 14.38
CA TYR B 112 -2.04 -2.96 15.28
C TYR B 112 -0.99 -3.95 14.80
N HIS B 113 -0.13 -4.37 15.72
CA HIS B 113 0.95 -5.29 15.40
C HIS B 113 0.41 -6.70 15.20
N THR B 114 1.01 -7.42 14.25
CA THR B 114 0.52 -8.75 13.92
C THR B 114 0.90 -9.78 14.97
N GLY B 115 1.95 -9.54 15.74
CA GLY B 115 2.40 -10.47 16.76
C GLY B 115 3.91 -10.52 16.84
N PHE B 116 4.42 -10.91 18.00
CA PHE B 116 5.85 -10.91 18.27
C PHE B 116 6.44 -12.21 17.72
N ILE B 117 6.90 -12.14 16.47
CA ILE B 117 7.30 -13.35 15.75
C ILE B 117 8.59 -13.92 16.31
N TYR B 118 9.57 -13.07 16.61
CA TYR B 118 10.88 -13.51 17.07
C TYR B 118 11.19 -12.89 18.42
N TRP B 119 11.63 -13.72 19.36
CA TRP B 119 11.97 -13.29 20.71
C TRP B 119 13.45 -13.57 20.98
N GLY B 120 14.07 -12.69 21.77
CA GLY B 120 15.44 -12.90 22.20
C GLY B 120 15.51 -13.85 23.37
N GLN B 121 16.68 -13.87 24.00
CA GLN B 121 16.89 -14.68 25.19
C GLN B 121 16.38 -13.93 26.41
N GLY B 122 16.69 -14.43 27.60
CA GLY B 122 16.23 -13.83 28.84
C GLY B 122 17.31 -12.99 29.49
N THR B 123 16.88 -11.90 30.13
CA THR B 123 17.75 -11.04 30.90
C THR B 123 17.47 -11.22 32.40
N LEU B 124 18.32 -10.62 33.21
CA LEU B 124 18.28 -10.81 34.67
C LEU B 124 18.41 -9.47 35.38
N VAL B 125 17.58 -8.50 34.98
CA VAL B 125 17.61 -7.16 35.57
C VAL B 125 17.42 -7.20 37.09
N ILE C 1 -6.84 -0.85 29.65
CA ILE C 1 -7.76 -1.89 29.23
C ILE C 1 -7.61 -3.12 30.11
N GLN C 2 -8.62 -3.39 30.93
CA GLN C 2 -8.61 -4.60 31.74
C GLN C 2 -8.68 -5.83 30.84
N MET C 3 -8.00 -6.90 31.25
CA MET C 3 -7.84 -8.06 30.41
C MET C 3 -7.67 -9.29 31.28
N THR C 4 -8.28 -10.40 30.86
CA THR C 4 -8.19 -11.65 31.62
C THR C 4 -8.32 -12.83 30.67
N GLN C 5 -7.86 -14.00 31.14
CA GLN C 5 -7.92 -15.21 30.34
C GLN C 5 -8.57 -16.34 31.13
N SER C 6 -8.51 -17.56 30.60
CA SER C 6 -9.07 -18.70 31.28
C SER C 6 -8.25 -19.05 32.52
N PRO C 7 -8.83 -19.79 33.45
CA PRO C 7 -8.04 -20.23 34.63
C PRO C 7 -6.83 -21.03 34.21
N SER C 8 -5.73 -20.85 34.95
CA SER C 8 -4.51 -21.57 34.66
C SER C 8 -4.67 -23.06 34.93
N SER C 9 -3.94 -23.87 34.16
CA SER C 9 -3.96 -25.33 34.29
C SER C 9 -5.36 -25.89 34.11
N LEU C 10 -6.09 -25.36 33.12
CA LEU C 10 -7.47 -25.80 32.88
C LEU C 10 -7.55 -27.04 32.01
N SER C 11 -6.42 -27.54 31.50
CA SER C 11 -6.42 -28.72 30.63
C SER C 11 -5.09 -29.46 30.85
N ALA C 12 -5.13 -30.51 31.67
CA ALA C 12 -3.93 -31.27 32.00
C ALA C 12 -3.86 -32.63 31.33
N SER C 13 -4.97 -33.15 30.83
CA SER C 13 -4.96 -34.47 30.20
C SER C 13 -4.19 -34.44 28.89
N VAL C 14 -3.56 -35.57 28.57
CA VAL C 14 -2.79 -35.73 27.34
C VAL C 14 -3.57 -36.63 26.40
N GLY C 15 -3.72 -36.20 25.15
CA GLY C 15 -4.49 -36.94 24.18
C GLY C 15 -5.89 -36.41 23.94
N ASP C 16 -6.12 -35.11 24.07
CA ASP C 16 -7.44 -34.53 23.87
C ASP C 16 -7.30 -33.07 23.49
N ARG C 17 -8.30 -32.55 22.78
CA ARG C 17 -8.32 -31.15 22.41
C ARG C 17 -8.47 -30.27 23.65
N VAL C 18 -7.79 -29.13 23.66
CA VAL C 18 -7.79 -28.24 24.80
C VAL C 18 -8.33 -26.89 24.36
N THR C 19 -9.12 -26.26 25.24
CA THR C 19 -9.73 -24.97 24.96
C THR C 19 -9.30 -23.96 26.01
N ILE C 20 -9.32 -22.69 25.62
CA ILE C 20 -8.89 -21.60 26.49
C ILE C 20 -9.52 -20.31 25.98
N THR C 21 -9.90 -19.44 26.91
CA THR C 21 -10.54 -18.18 26.60
C THR C 21 -9.57 -17.02 26.76
N CYS C 22 -9.78 -15.98 25.97
CA CYS C 22 -8.92 -14.80 25.91
C CYS C 22 -9.77 -13.55 26.11
N ARG C 23 -10.58 -13.56 27.17
CA ARG C 23 -11.52 -12.48 27.47
C ARG C 23 -10.86 -11.10 27.33
N ALA C 24 -11.46 -10.26 26.50
CA ALA C 24 -10.95 -8.92 26.25
C ALA C 24 -12.10 -7.93 26.27
N SER C 25 -11.91 -6.82 26.98
CA SER C 25 -12.91 -5.76 27.02
C SER C 25 -12.75 -4.85 25.81
N GLN C 26 -13.65 -3.88 25.70
CA GLN C 26 -13.66 -2.90 24.60
C GLN C 26 -13.77 -3.68 23.28
N SER C 27 -12.99 -3.33 22.26
CA SER C 27 -13.02 -4.04 20.99
C SER C 27 -11.68 -3.85 20.31
N VAL C 28 -10.94 -4.93 20.10
CA VAL C 28 -9.60 -4.88 19.54
C VAL C 28 -9.55 -5.54 18.16
N SER C 29 -10.71 -5.66 17.49
CA SER C 29 -10.81 -6.32 16.19
C SER C 29 -10.22 -7.71 16.25
N SER C 30 -9.22 -8.00 15.42
CA SER C 30 -8.55 -9.29 15.37
C SER C 30 -7.08 -9.15 15.72
N ALA C 31 -6.77 -8.24 16.64
CA ALA C 31 -5.39 -7.96 17.02
C ALA C 31 -5.03 -8.72 18.29
N VAL C 32 -5.05 -10.05 18.16
CA VAL C 32 -4.77 -10.96 19.27
C VAL C 32 -3.79 -12.02 18.81
N ALA C 33 -2.81 -12.33 19.67
CA ALA C 33 -1.82 -13.36 19.40
C ALA C 33 -1.67 -14.26 20.61
N TRP C 34 -1.25 -15.50 20.35
CA TRP C 34 -1.06 -16.51 21.40
C TRP C 34 0.38 -17.00 21.35
N TYR C 35 0.98 -17.17 22.53
CA TYR C 35 2.39 -17.51 22.64
C TYR C 35 2.58 -18.75 23.52
N GLN C 36 3.61 -19.52 23.18
CA GLN C 36 4.04 -20.68 23.95
C GLN C 36 5.35 -20.34 24.64
N GLN C 37 5.37 -20.46 25.97
CA GLN C 37 6.57 -20.16 26.75
C GLN C 37 6.82 -21.30 27.72
N LYS C 38 7.77 -22.16 27.40
CA LYS C 38 8.22 -23.15 28.35
C LYS C 38 9.02 -22.47 29.46
N PRO C 39 8.93 -22.95 30.70
CA PRO C 39 9.66 -22.30 31.80
C PRO C 39 11.16 -22.30 31.55
N GLY C 40 11.80 -21.20 31.91
CA GLY C 40 13.22 -21.03 31.68
C GLY C 40 13.59 -20.72 30.26
N LYS C 41 12.62 -20.31 29.43
CA LYS C 41 12.88 -20.00 28.03
C LYS C 41 12.13 -18.73 27.68
N ALA C 42 12.08 -18.41 26.39
CA ALA C 42 11.37 -17.25 25.89
C ALA C 42 10.11 -17.69 25.15
N PRO C 43 9.05 -16.88 25.17
CA PRO C 43 7.81 -17.26 24.47
C PRO C 43 8.02 -17.39 22.97
N LYS C 44 7.34 -18.36 22.38
CA LYS C 44 7.34 -18.58 20.94
C LYS C 44 5.95 -18.29 20.42
N LEU C 45 5.84 -17.42 19.42
CA LEU C 45 4.55 -17.05 18.89
C LEU C 45 3.90 -18.23 18.20
N LEU C 46 2.60 -18.41 18.43
CA LEU C 46 1.84 -19.53 17.87
C LEU C 46 0.94 -19.08 16.72
N ILE C 47 0.07 -18.11 16.98
CA ILE C 47 -0.86 -17.60 15.98
C ILE C 47 -0.79 -16.08 15.97
N TYR C 48 -0.83 -15.51 14.77
CA TYR C 48 -0.84 -14.07 14.58
C TYR C 48 -2.19 -13.65 14.02
N SER C 49 -2.69 -12.51 14.49
CA SER C 49 -4.03 -12.01 14.18
C SER C 49 -5.14 -12.95 14.66
N ALA C 50 -4.80 -13.88 15.55
CA ALA C 50 -5.73 -14.80 16.20
C ALA C 50 -6.49 -15.68 15.23
N SER C 51 -6.05 -15.77 13.99
CA SER C 51 -6.73 -16.63 13.02
C SER C 51 -5.78 -17.58 12.31
N SER C 52 -4.56 -17.15 12.01
CA SER C 52 -3.60 -17.94 11.25
C SER C 52 -2.39 -18.26 12.11
N LEU C 53 -1.95 -19.50 12.07
CA LEU C 53 -0.79 -19.93 12.84
C LEU C 53 0.49 -19.44 12.19
N TYR C 54 1.55 -19.38 12.98
CA TYR C 54 2.86 -18.97 12.48
C TYR C 54 3.48 -20.09 11.66
N SER C 55 4.40 -19.71 10.78
CA SER C 55 5.16 -20.69 10.02
C SER C 55 6.03 -21.52 10.95
N GLY C 56 5.99 -22.84 10.80
CA GLY C 56 6.71 -23.74 11.65
C GLY C 56 5.92 -24.25 12.84
N VAL C 57 4.90 -23.53 13.27
CA VAL C 57 4.02 -24.02 14.33
C VAL C 57 3.24 -25.23 13.81
N PRO C 58 3.07 -26.27 14.61
CA PRO C 58 2.31 -27.44 14.13
C PRO C 58 0.91 -27.06 13.69
N SER C 59 0.44 -27.71 12.62
CA SER C 59 -0.86 -27.41 12.03
C SER C 59 -2.01 -27.72 12.96
N ARG C 60 -1.78 -28.47 14.04
CA ARG C 60 -2.82 -28.72 15.02
C ARG C 60 -3.33 -27.44 15.66
N PHE C 61 -2.49 -26.42 15.72
CA PHE C 61 -2.86 -25.17 16.36
C PHE C 61 -3.91 -24.44 15.54
N SER C 62 -4.87 -23.82 16.24
CA SER C 62 -5.94 -23.09 15.57
C SER C 62 -6.58 -22.15 16.56
N GLY C 63 -6.62 -20.86 16.23
CA GLY C 63 -7.32 -19.87 17.02
C GLY C 63 -8.42 -19.22 16.20
N SER C 64 -9.55 -18.93 16.85
CA SER C 64 -10.71 -18.43 16.14
C SER C 64 -11.35 -17.30 16.91
N ARG C 65 -11.86 -16.31 16.17
CA ARG C 65 -12.61 -15.20 16.75
C ARG C 65 -13.98 -15.67 17.20
N SER C 66 -14.20 -15.72 18.51
CA SER C 66 -15.54 -15.92 19.07
C SER C 66 -16.11 -14.57 19.49
N GLY C 67 -16.43 -13.77 18.48
CA GLY C 67 -16.89 -12.41 18.74
C GLY C 67 -15.80 -11.60 19.39
N THR C 68 -16.16 -10.83 20.42
CA THR C 68 -15.16 -10.10 21.18
C THR C 68 -14.26 -11.02 21.98
N ASP C 69 -14.63 -12.29 22.12
CA ASP C 69 -13.84 -13.27 22.84
C ASP C 69 -12.94 -14.03 21.88
N PHE C 70 -11.84 -14.55 22.41
CA PHE C 70 -10.85 -15.24 21.59
C PHE C 70 -10.47 -16.56 22.24
N THR C 71 -10.23 -17.56 21.41
CA THR C 71 -9.90 -18.91 21.88
C THR C 71 -8.73 -19.46 21.10
N LEU C 72 -8.00 -20.38 21.74
CA LEU C 72 -6.89 -21.09 21.13
C LEU C 72 -7.12 -22.58 21.30
N THR C 73 -7.08 -23.32 20.19
CA THR C 73 -7.34 -24.75 20.19
C THR C 73 -6.23 -25.49 19.45
N ILE C 74 -5.80 -26.62 20.02
CA ILE C 74 -4.81 -27.49 19.42
C ILE C 74 -5.34 -28.92 19.45
N SER C 75 -4.52 -29.87 18.99
CA SER C 75 -4.96 -31.26 18.94
C SER C 75 -4.85 -31.92 20.30
N SER C 76 -3.63 -32.03 20.82
CA SER C 76 -3.38 -32.68 22.12
C SER C 76 -1.95 -32.36 22.54
N LEU C 77 -1.48 -33.03 23.60
CA LEU C 77 -0.11 -32.78 24.13
C LEU C 77 0.78 -33.97 23.77
N GLN C 78 0.58 -34.55 22.58
CA GLN C 78 1.37 -35.74 22.17
C GLN C 78 2.87 -35.43 22.23
N PRO C 79 3.38 -34.40 21.51
CA PRO C 79 4.82 -34.11 21.46
C PRO C 79 5.31 -33.26 22.63
N GLU C 80 4.88 -33.61 23.84
CA GLU C 80 5.29 -32.93 25.06
C GLU C 80 5.11 -31.41 24.95
N ASP C 81 3.95 -31.01 24.43
CA ASP C 81 3.65 -29.60 24.23
C ASP C 81 2.97 -29.07 25.48
N PHE C 82 3.80 -28.83 26.50
CA PHE C 82 3.35 -28.28 27.77
C PHE C 82 4.13 -27.01 28.06
N ALA C 83 3.41 -25.92 28.29
CA ALA C 83 4.02 -24.62 28.55
C ALA C 83 2.94 -23.64 28.96
N THR C 84 3.37 -22.53 29.55
CA THR C 84 2.45 -21.46 29.91
C THR C 84 2.12 -20.63 28.68
N TYR C 85 0.83 -20.47 28.39
CA TYR C 85 0.36 -19.81 27.20
C TYR C 85 -0.22 -18.45 27.56
N TYR C 86 0.10 -17.44 26.76
CA TYR C 86 -0.35 -16.07 26.98
C TYR C 86 -1.04 -15.56 25.74
N CYS C 87 -2.01 -14.66 25.93
CA CYS C 87 -2.67 -14.01 24.82
C CYS C 87 -2.77 -12.52 25.11
N GLN C 88 -2.56 -11.71 24.06
CA GLN C 88 -2.50 -10.26 24.19
C GLN C 88 -3.42 -9.62 23.16
N GLN C 89 -3.78 -8.37 23.43
CA GLN C 89 -4.48 -7.53 22.48
C GLN C 89 -3.56 -6.39 22.06
N SER C 90 -3.36 -6.23 20.76
CA SER C 90 -2.42 -5.24 20.23
C SER C 90 -3.23 -4.11 19.58
N SER C 91 -3.63 -3.14 20.38
CA SER C 91 -4.34 -1.97 19.89
C SER C 91 -3.42 -0.80 19.59
N SER C 92 -2.10 -1.00 19.69
CA SER C 92 -1.04 -0.03 19.44
C SER C 92 -1.01 1.11 20.45
N SER C 93 -1.96 1.16 21.38
CA SER C 93 -1.98 2.19 22.42
C SER C 93 -1.45 1.64 23.74
N LEU C 94 -2.05 0.57 24.24
CA LEU C 94 -1.63 -0.08 25.48
C LEU C 94 -1.81 -1.58 25.31
N ILE C 95 -0.71 -2.29 25.10
CA ILE C 95 -0.75 -3.73 24.90
C ILE C 95 -0.80 -4.41 26.27
N THR C 96 -1.73 -5.35 26.42
CA THR C 96 -1.91 -6.06 27.69
C THR C 96 -1.86 -7.55 27.42
N PHE C 97 -1.05 -8.26 28.22
CA PHE C 97 -0.88 -9.70 28.06
C PHE C 97 -1.86 -10.52 28.88
N GLY C 98 -2.63 -9.90 29.75
CA GLY C 98 -3.57 -10.65 30.57
C GLY C 98 -2.87 -11.52 31.59
N GLN C 99 -3.66 -12.44 32.16
CA GLN C 99 -3.16 -13.35 33.17
C GLN C 99 -2.47 -14.54 32.52
N GLY C 100 -1.41 -15.03 33.17
CA GLY C 100 -0.71 -16.20 32.66
C GLY C 100 -1.56 -17.45 32.80
N THR C 101 -1.47 -18.31 31.80
CA THR C 101 -2.27 -19.53 31.74
C THR C 101 -1.36 -20.71 31.40
N LYS C 102 -1.24 -21.65 32.33
CA LYS C 102 -0.46 -22.86 32.12
C LYS C 102 -1.33 -23.92 31.45
N VAL C 103 -0.68 -24.79 30.67
CA VAL C 103 -1.36 -25.88 29.99
C VAL C 103 -2.03 -26.81 30.99
C4 A1A8B D . 7.27 17.99 -20.69
C5 A1A8B D . 8.74 16.96 -19.11
C6 A1A8B D . 10.64 17.58 -17.78
C7 A1A8B D . 11.08 18.98 -17.43
C8 A1A8B D . 12.69 18.62 -15.71
C10 A1A8B D . 9.64 17.04 -16.77
C13 A1A8B D . 6.13 17.35 -21.45
C15 A1A8B D . 7.24 17.96 -23.63
C17 A1A8B D . 5.51 20.67 -23.66
C20 A1A8B D . 1.25 22.02 -23.98
C21 A1A8B D . 0.23 20.13 -25.02
C22 A1A8B D . 1.04 19.12 -25.80
C24 A1A8B D . -0.97 18.00 -28.07
C26 A1A8B D . -1.60 16.64 -28.23
C28 A1A8B D . -1.46 16.39 -25.72
P1 A1A8B D . 10.52 19.80 -21.81
C1 A1A8B D . 13.34 17.88 -20.03
O1 A1A8B D . 11.52 19.30 -20.67
C2 A1A8B D . 12.85 18.85 -21.03
O2 A1A8B D . 9.98 21.16 -21.46
C3 A1A8B D . 7.95 19.09 -21.49
O3 A1A8B D . 11.21 19.64 -23.15
O4 A1A8B D . 9.34 18.71 -21.69
O5 A1A8B D . 8.24 16.97 -20.42
O6 A1A8B D . 10.00 17.65 -19.06
O7 A1A8B D . 11.44 19.01 -16.02
O8 A1A8B D . 13.59 18.60 -16.51
C9 A1A8B D . 12.80 18.25 -14.28
O9 A1A8B D . 10.20 17.12 -15.46
O10 A1A8B D . 7.49 17.49 -15.80
C11 A1A8B D . 8.38 17.87 -16.85
O11 A1A8B D . 6.56 16.86 -18.10
C12 A1A8B D . 7.74 17.65 -18.20
O12 A1A8B D . 5.61 16.25 -20.69
O13 A1A8B D . 5.50 16.30 -23.53
C14 A1A8B D . 6.61 16.84 -22.81
O14 A1A8B D . 8.55 17.58 -24.03
O15 A1A8B D . 5.96 19.76 -22.70
C16 A1A8B D . 7.30 19.27 -22.86
O16 A1A8B D . 4.14 20.89 -23.47
O17 A1A8B D . 2.11 22.43 -22.96
C18 A1A8B D . 3.81 21.02 -22.07
O18 A1A8B D . 1.08 20.62 -23.97
C19 A1A8B D . 2.37 21.43 -21.98
O19 A1A8B D . 0.43 17.81 -25.65
O20 A1A8B D . -1.43 18.55 -26.82
O21 A1A8B D . -0.24 19.67 -29.66
O22 A1A8B D . -1.17 16.08 -29.47
C23 A1A8B D . -0.96 17.82 -25.69
O23 A1A8B D . -1.90 14.49 -27.15
O24 A1A8B D . -2.86 16.35 -25.43
C25 A1A8B D . -1.37 18.96 -29.15
O25 A1A8B D . -2.34 14.22 -24.64
O26 A1A8B D . -0.79 11.68 -23.20
C27 A1A8B D . -1.18 15.73 -27.08
O27 A1A8B D . -4.87 13.45 -22.87
O28 A1A8B D . -3.91 12.56 -26.28
C29 A1A8B D . -3.34 15.23 -24.71
O29 A1A8B D . -4.47 15.05 -26.81
C30 A1A8B D . -2.67 13.12 -23.78
O30 A1A8B D . -1.27 22.04 -25.18
C31 A1A8B D . -1.79 11.95 -24.18
O31 A1A8B D . 1.48 21.58 -27.52
C32 A1A8B D . -4.15 12.79 -23.90
O32 A1A8B D . 3.05 21.77 -25.55
C33 A1A8B D . -4.66 13.21 -25.26
O33 A1A8B D . 5.70 21.27 -20.64
C34 A1A8B D . -4.56 14.71 -25.43
O34 A1A8B D . 4.62 23.67 -23.20
C35 A1A8B D . -0.30 21.27 -25.90
O35 A1A8B D . 6.39 22.64 -24.71
C36 A1A8B D . 0.82 22.18 -26.40
C37 A1A8B D . 1.83 22.46 -25.31
C38 A1A8B D . 4.78 22.01 -21.43
C39 A1A8B D . 5.53 22.83 -22.48
C40 A1A8B D . 6.27 21.96 -23.46
C35 DSL E . -9.68 -2.94 -19.92
C36 DSL E . -9.91 -1.50 -19.51
C37 DSL E . -9.82 -1.29 -18.02
C38 DSL E . -8.60 -1.85 -17.37
C39 DSL E . -10.79 -0.64 -17.37
C40 DSL E . -12.17 -0.32 -17.83
C41 DSL E . -12.23 0.93 -18.69
C42 DSL E . -13.53 1.09 -19.42
C43 DSL E . -14.66 0.27 -18.88
C44 DSL E . -13.63 1.91 -20.46
C45 DSL E . -12.78 1.95 -21.68
C46 DSL E . -12.57 3.36 -22.20
C47 DSL E . -11.17 3.63 -22.68
C48 DSL E . -10.97 3.46 -24.16
C49 DSL E . -10.20 3.97 -21.83
C50 DSL E . -9.92 5.31 -21.26
C51 DSL E . -10.99 5.76 -20.29
C52 DSL E . -11.16 7.25 -20.23
C53 DSL E . -12.56 7.73 -19.95
C54 DSL E . -10.14 8.08 -20.41
C55 DSL E . -10.13 9.50 -19.97
O56 DSL E . -8.80 9.90 -19.64
P57 DSL E . -7.82 10.50 -20.77
O58 DSL E . -7.80 9.47 -21.88
O59 DSL E . -8.44 11.81 -21.20
O60 DSL E . -6.48 10.67 -20.10
#